data_3NF4
#
_entry.id   3NF4
#
_cell.length_a   95.650
_cell.length_b   99.230
_cell.length_c   171.490
_cell.angle_alpha   90.000
_cell.angle_beta   90.000
_cell.angle_gamma   90.000
#
_symmetry.space_group_name_H-M   'I 21 21 21'
#
loop_
_entity.id
_entity.type
_entity.pdbx_description
1 polymer 'acyl-CoA dehydrogenase'
2 non-polymer 'FLAVIN-ADENINE DINUCLEOTIDE'
3 non-polymer 'SODIUM ION'
4 water water
#
_entity_poly.entity_id   1
_entity_poly.type   'polypeptide(L)'
_entity_poly.pdbx_seq_one_letter_code
;GPGSMIHPMAVDRLLPSQEAAELIELTREIADKVLDPIVDRHEKDETYPEGVFEQLGAAGLLSLPQPEEWGGGGQPYEVY
LQVLEEIAARWASVAVAVSVHSLSSHPLLVFGTEEQKKRWLPGMLSGEQIGAYSLSEPQAGSDAAALRCAATPTDGGYVI
NGSKSWITHGGKADFYTLFARTGEGSRGVSCFLVPADQPGLSFGKPEEKMGLHAVPTTSAFYDNARIDADRRIGEEGQGL
QIAFSALDSGRLGIAAVATGLAQAALDEAVAYANERTAFGRKIIDHQGLGFLLADMAAAVATARATYLDAARRRDQGRPY
SQQASIAKLTATDAAMKVTTDAVQVFGGVGYTRDYRVERYMREAKIMQIFEGTNQIQRLVIARGLTR
;
_entity_poly.pdbx_strand_id   A,B
#
# COMPACT_ATOMS: atom_id res chain seq x y z
N MET A 9 -16.24 -15.60 16.13
CA MET A 9 -14.89 -15.00 15.85
C MET A 9 -13.76 -16.04 16.00
N ALA A 10 -13.89 -17.11 15.22
CA ALA A 10 -12.85 -18.13 15.02
C ALA A 10 -13.30 -19.04 13.86
N VAL A 11 -12.39 -19.37 12.94
CA VAL A 11 -12.74 -20.08 11.70
C VAL A 11 -13.21 -21.53 11.96
N ASP A 12 -14.38 -21.87 11.44
CA ASP A 12 -14.95 -23.22 11.52
C ASP A 12 -14.26 -24.12 10.47
N ARG A 13 -13.36 -25.00 10.93
CA ARG A 13 -12.49 -25.74 10.01
C ARG A 13 -12.91 -27.19 9.71
N LEU A 14 -12.73 -27.62 8.46
CA LEU A 14 -12.90 -29.02 8.12
C LEU A 14 -11.57 -29.79 8.28
N LEU A 15 -11.54 -30.71 9.24
CA LEU A 15 -10.33 -31.42 9.64
C LEU A 15 -10.56 -32.94 9.71
N PRO A 16 -9.52 -33.76 9.37
CA PRO A 16 -9.68 -35.23 9.22
C PRO A 16 -9.81 -36.05 10.52
N SER A 17 -9.59 -35.44 11.68
CA SER A 17 -9.70 -36.17 12.95
C SER A 17 -9.73 -35.24 14.16
N GLN A 18 -10.02 -35.82 15.32
CA GLN A 18 -10.03 -35.07 16.58
C GLN A 18 -8.61 -34.60 16.93
N GLU A 19 -7.62 -35.40 16.53
CA GLU A 19 -6.21 -35.10 16.81
C GLU A 19 -5.79 -33.79 16.14
N ALA A 20 -6.18 -33.65 14.87
CA ALA A 20 -5.91 -32.45 14.09
C ALA A 20 -6.57 -31.22 14.72
N ALA A 21 -7.80 -31.38 15.22
CA ALA A 21 -8.53 -30.30 15.88
C ALA A 21 -7.78 -29.74 17.10
N GLU A 22 -7.17 -30.63 17.88
CA GLU A 22 -6.38 -30.23 19.05
C GLU A 22 -5.06 -29.55 18.66
N LEU A 23 -4.49 -29.96 17.52
CA LEU A 23 -3.24 -29.34 17.02
C LEU A 23 -3.52 -27.89 16.57
N ILE A 24 -4.69 -27.68 15.99
CA ILE A 24 -5.11 -26.32 15.65
C ILE A 24 -5.25 -25.52 16.95
N GLU A 25 -5.86 -26.16 17.94
CA GLU A 25 -6.08 -25.53 19.24
C GLU A 25 -4.76 -25.17 19.88
N LEU A 26 -3.78 -26.05 19.80
CA LEU A 26 -2.45 -25.74 20.33
C LEU A 26 -1.82 -24.49 19.63
N THR A 27 -2.00 -24.41 18.31
CA THR A 27 -1.47 -23.30 17.49
C THR A 27 -2.06 -21.94 17.86
N ARG A 28 -3.37 -21.89 18.10
CA ARG A 28 -4.06 -20.65 18.46
C ARG A 28 -3.54 -20.11 19.80
N GLU A 29 -3.25 -21.04 20.71
CA GLU A 29 -2.74 -20.72 22.05
C GLU A 29 -1.33 -20.10 22.03
N ILE A 30 -0.38 -20.81 21.40
CA ILE A 30 0.99 -20.30 21.21
C ILE A 30 1.03 -18.94 20.46
N ALA A 31 0.27 -18.83 19.36
CA ALA A 31 0.24 -17.61 18.55
C ALA A 31 -0.31 -16.39 19.30
N ASP A 32 -1.37 -16.62 20.09
CA ASP A 32 -1.96 -15.54 20.90
C ASP A 32 -1.08 -15.13 22.11
N LYS A 33 -0.25 -16.06 22.60
CA LYS A 33 0.60 -15.82 23.77
C LYS A 33 1.98 -15.27 23.41
N VAL A 34 2.55 -15.77 22.33
CA VAL A 34 3.91 -15.43 21.96
C VAL A 34 4.01 -14.40 20.85
N LEU A 35 3.21 -14.53 19.78
CA LEU A 35 3.28 -13.62 18.62
C LEU A 35 2.47 -12.33 18.74
N ASP A 36 1.19 -12.45 19.09
CA ASP A 36 0.25 -11.31 19.14
C ASP A 36 0.63 -10.09 20.02
N PRO A 37 1.23 -10.30 21.22
CA PRO A 37 1.46 -9.16 22.10
C PRO A 37 2.66 -8.28 21.75
N ILE A 38 3.57 -8.78 20.90
CA ILE A 38 4.81 -8.09 20.49
C ILE A 38 4.87 -7.67 19.00
N VAL A 39 3.92 -8.11 18.18
CA VAL A 39 4.01 -7.93 16.73
C VAL A 39 4.02 -6.46 16.24
N ASP A 40 3.14 -5.63 16.80
CA ASP A 40 3.03 -4.22 16.39
C ASP A 40 4.33 -3.45 16.65
N ARG A 41 4.99 -3.76 17.76
CA ARG A 41 6.19 -3.03 18.14
C ARG A 41 7.42 -3.43 17.32
N HIS A 42 7.55 -4.71 17.01
CA HIS A 42 8.65 -5.19 16.22
C HIS A 42 8.53 -4.82 14.74
N GLU A 43 7.30 -4.76 14.22
CA GLU A 43 7.12 -4.36 12.84
C GLU A 43 7.35 -2.86 12.70
N LYS A 44 6.93 -2.10 13.71
CA LYS A 44 7.12 -0.65 13.72
C LYS A 44 8.61 -0.27 13.86
N ASP A 45 9.34 -0.97 14.74
CA ASP A 45 10.78 -0.70 15.01
C ASP A 45 11.72 -1.34 13.99
N GLU A 46 11.22 -2.34 13.25
CA GLU A 46 11.99 -3.13 12.26
C GLU A 46 13.11 -3.97 12.90
N THR A 47 12.75 -4.64 14.00
CA THR A 47 13.73 -5.45 14.75
C THR A 47 13.39 -6.93 14.73
N TYR A 48 14.40 -7.75 14.92
CA TYR A 48 14.29 -9.20 14.95
C TYR A 48 13.66 -9.69 16.27
N PRO A 49 12.72 -10.68 16.19
CA PRO A 49 12.12 -11.32 17.38
C PRO A 49 12.95 -12.49 17.97
N GLU A 50 13.84 -12.15 18.89
CA GLU A 50 14.65 -13.15 19.59
C GLU A 50 13.76 -14.07 20.41
N GLY A 51 14.04 -15.37 20.34
CA GLY A 51 13.37 -16.36 21.19
C GLY A 51 12.13 -16.99 20.60
N VAL A 52 11.53 -16.30 19.62
CA VAL A 52 10.26 -16.70 19.01
C VAL A 52 10.33 -18.03 18.22
N PHE A 53 11.29 -18.17 17.32
CA PHE A 53 11.43 -19.42 16.54
C PHE A 53 11.84 -20.62 17.39
N GLU A 54 12.54 -20.36 18.50
CA GLU A 54 12.92 -21.38 19.49
C GLU A 54 11.68 -21.96 20.18
N GLN A 55 10.73 -21.08 20.52
CA GLN A 55 9.45 -21.48 21.16
C GLN A 55 8.47 -22.25 20.26
N LEU A 56 8.42 -21.91 18.96
CA LEU A 56 7.54 -22.61 18.00
C LEU A 56 8.10 -24.01 17.69
N GLY A 57 9.42 -24.07 17.56
CA GLY A 57 10.13 -25.30 17.29
C GLY A 57 10.00 -26.37 18.37
N ALA A 58 9.96 -25.95 19.63
CA ALA A 58 9.81 -26.89 20.77
C ALA A 58 8.38 -27.45 20.87
N ALA A 59 7.43 -26.76 20.22
CA ALA A 59 6.05 -27.20 20.20
C ALA A 59 5.77 -28.12 19.00
N GLY A 60 6.76 -28.29 18.14
CA GLY A 60 6.61 -29.13 16.95
C GLY A 60 6.22 -28.40 15.67
N LEU A 61 5.99 -27.09 15.75
CA LEU A 61 5.40 -26.30 14.65
C LEU A 61 6.30 -25.99 13.44
N LEU A 62 7.60 -26.26 13.56
CA LEU A 62 8.53 -26.00 12.46
C LEU A 62 8.89 -27.24 11.64
N SER A 63 8.19 -28.35 11.83
CA SER A 63 8.52 -29.56 11.08
C SER A 63 7.32 -30.49 10.87
N LEU A 64 6.13 -29.91 10.90
CA LEU A 64 4.90 -30.66 10.82
C LEU A 64 4.80 -31.63 9.65
N PRO A 65 5.08 -31.19 8.41
CA PRO A 65 4.73 -32.07 7.27
C PRO A 65 5.70 -33.22 6.99
N GLN A 66 6.91 -33.16 7.52
CA GLN A 66 7.95 -34.16 7.20
C GLN A 66 7.81 -35.51 7.94
N PRO A 67 8.39 -36.59 7.38
CA PRO A 67 8.22 -37.92 7.96
C PRO A 67 8.81 -38.07 9.36
N GLU A 68 8.10 -38.82 10.20
CA GLU A 68 8.53 -39.06 11.56
C GLU A 68 9.85 -39.80 11.68
N GLU A 69 10.19 -40.66 10.72
CA GLU A 69 11.45 -41.42 10.76
C GLU A 69 12.67 -40.52 10.74
N TRP A 70 12.46 -39.25 10.37
CA TRP A 70 13.52 -38.25 10.35
C TRP A 70 13.30 -37.14 11.39
N GLY A 71 12.26 -37.28 12.23
CA GLY A 71 11.95 -36.25 13.23
C GLY A 71 10.83 -35.25 12.97
N GLY A 72 10.15 -35.35 11.83
CA GLY A 72 8.98 -34.51 11.56
C GLY A 72 7.73 -35.00 12.29
N GLY A 73 6.61 -34.30 12.10
CA GLY A 73 5.34 -34.67 12.73
C GLY A 73 4.44 -35.55 11.88
N GLY A 74 4.86 -35.83 10.65
CA GLY A 74 4.10 -36.68 9.72
C GLY A 74 2.76 -36.16 9.15
N GLN A 75 2.46 -34.89 9.39
CA GLN A 75 1.15 -34.34 9.04
C GLN A 75 0.87 -34.21 7.54
N PRO A 76 -0.38 -34.49 7.13
CA PRO A 76 -0.74 -34.16 5.74
C PRO A 76 -0.88 -32.63 5.54
N TYR A 77 -0.81 -32.21 4.29
CA TYR A 77 -0.93 -30.81 3.91
C TYR A 77 -2.26 -30.15 4.29
N GLU A 78 -3.34 -30.92 4.21
CA GLU A 78 -4.67 -30.50 4.68
C GLU A 78 -4.67 -30.03 6.14
N VAL A 79 -3.72 -30.51 6.95
CA VAL A 79 -3.55 -30.03 8.33
C VAL A 79 -2.40 -29.01 8.43
N TYR A 80 -1.23 -29.34 7.87
CA TYR A 80 -0.10 -28.41 7.91
C TYR A 80 -0.46 -26.98 7.42
N LEU A 81 -1.11 -26.89 6.25
CA LEU A 81 -1.42 -25.59 5.65
C LEU A 81 -2.34 -24.71 6.48
N GLN A 82 -3.29 -25.36 7.20
CA GLN A 82 -4.26 -24.65 8.05
C GLN A 82 -3.62 -24.16 9.38
N VAL A 83 -2.56 -24.85 9.83
CA VAL A 83 -1.76 -24.35 10.96
C VAL A 83 -0.97 -23.09 10.55
N LEU A 84 -0.39 -23.16 9.35
CA LEU A 84 0.28 -22.02 8.72
C LEU A 84 -0.69 -20.83 8.58
N GLU A 85 -1.94 -21.10 8.22
CA GLU A 85 -2.94 -20.04 8.12
C GLU A 85 -3.22 -19.32 9.45
N GLU A 86 -3.30 -20.10 10.54
CA GLU A 86 -3.58 -19.57 11.89
C GLU A 86 -2.43 -18.70 12.36
N ILE A 87 -1.19 -19.16 12.19
CA ILE A 87 -0.02 -18.31 12.41
C ILE A 87 -0.05 -16.96 11.65
N ALA A 88 -0.25 -17.01 10.32
CA ALA A 88 -0.21 -15.81 9.47
C ALA A 88 -1.26 -14.76 9.84
N ALA A 89 -2.35 -15.19 10.49
CA ALA A 89 -3.34 -14.27 11.02
C ALA A 89 -2.86 -13.45 12.22
N ARG A 90 -1.77 -13.86 12.88
CA ARG A 90 -1.14 -13.05 13.92
C ARG A 90 0.09 -12.28 13.40
N TRP A 91 0.97 -12.97 12.65
CA TRP A 91 2.22 -12.33 12.22
C TRP A 91 2.68 -12.83 10.86
N ALA A 92 2.36 -12.07 9.80
CA ALA A 92 2.61 -12.54 8.42
C ALA A 92 4.09 -12.81 8.14
N SER A 93 4.96 -11.89 8.56
CA SER A 93 6.39 -12.06 8.36
C SER A 93 6.98 -13.34 8.97
N VAL A 94 6.49 -13.74 10.14
CA VAL A 94 6.92 -14.97 10.79
C VAL A 94 6.46 -16.22 10.03
N ALA A 95 5.24 -16.20 9.51
CA ALA A 95 4.70 -17.36 8.85
C ALA A 95 5.37 -17.58 7.49
N VAL A 96 5.67 -16.49 6.77
CA VAL A 96 6.53 -16.56 5.58
C VAL A 96 7.83 -17.34 5.95
N ALA A 97 8.49 -16.97 7.04
CA ALA A 97 9.72 -17.65 7.43
C ALA A 97 9.53 -19.14 7.75
N VAL A 98 8.37 -19.49 8.33
CA VAL A 98 8.07 -20.90 8.59
C VAL A 98 7.99 -21.68 7.27
N SER A 99 7.33 -21.08 6.30
CA SER A 99 7.17 -21.66 4.98
C SER A 99 8.51 -21.87 4.27
N VAL A 100 9.39 -20.89 4.35
CA VAL A 100 10.73 -20.99 3.78
C VAL A 100 11.54 -22.14 4.42
N HIS A 101 11.39 -22.34 5.73
CA HIS A 101 12.11 -23.40 6.42
C HIS A 101 11.81 -24.81 5.85
N SER A 102 10.53 -25.06 5.56
CA SER A 102 10.07 -26.26 4.88
C SER A 102 10.70 -26.45 3.51
N LEU A 103 10.65 -25.43 2.66
CA LEU A 103 11.35 -25.49 1.40
C LEU A 103 12.86 -25.72 1.53
N SER A 104 13.48 -25.14 2.56
CA SER A 104 14.93 -25.26 2.73
C SER A 104 15.40 -26.70 2.99
N SER A 105 14.55 -27.51 3.64
CA SER A 105 14.92 -28.92 3.84
C SER A 105 14.54 -29.85 2.67
N HIS A 106 13.87 -29.32 1.65
CA HIS A 106 13.26 -30.17 0.60
C HIS A 106 14.23 -30.90 -0.36
N PRO A 107 15.27 -30.21 -0.87
CA PRO A 107 16.26 -30.89 -1.73
C PRO A 107 16.98 -32.09 -1.06
N LEU A 108 17.32 -31.99 0.22
CA LEU A 108 18.02 -33.08 0.90
C LEU A 108 17.09 -34.28 1.10
N LEU A 109 15.85 -33.99 1.50
CA LEU A 109 14.87 -35.02 1.78
C LEU A 109 14.48 -35.86 0.55
N VAL A 110 14.40 -35.24 -0.63
CA VAL A 110 13.94 -35.97 -1.82
C VAL A 110 15.08 -36.46 -2.73
N PHE A 111 16.23 -35.80 -2.67
CA PHE A 111 17.30 -36.10 -3.62
C PHE A 111 18.62 -36.63 -3.05
N GLY A 112 18.82 -36.48 -1.74
CA GLY A 112 20.08 -36.85 -1.13
C GLY A 112 20.31 -38.35 -0.95
N THR A 113 21.55 -38.69 -0.59
CA THR A 113 21.97 -40.06 -0.23
C THR A 113 21.52 -40.37 1.19
N GLU A 114 21.28 -41.66 1.46
CA GLU A 114 20.88 -42.09 2.80
C GLU A 114 21.91 -41.64 3.82
N GLU A 115 23.18 -41.68 3.42
CA GLU A 115 24.30 -41.19 4.25
C GLU A 115 24.20 -39.67 4.53
N GLN A 116 23.78 -38.88 3.52
CA GLN A 116 23.60 -37.44 3.68
C GLN A 116 22.43 -37.11 4.62
N LYS A 117 21.32 -37.82 4.44
CA LYS A 117 20.15 -37.65 5.32
C LYS A 117 20.48 -37.92 6.79
N LYS A 118 21.18 -39.02 7.04
CA LYS A 118 21.60 -39.40 8.40
C LYS A 118 22.41 -38.31 9.12
N ARG A 119 23.36 -37.70 8.41
CA ARG A 119 24.15 -36.59 8.95
C ARG A 119 23.29 -35.39 9.43
N TRP A 120 22.46 -34.86 8.53
CA TRP A 120 21.94 -33.48 8.70
C TRP A 120 20.45 -33.29 8.99
N LEU A 121 19.61 -34.19 8.47
CA LEU A 121 18.15 -34.04 8.57
C LEU A 121 17.59 -33.95 9.98
N PRO A 122 18.07 -34.81 10.90
CA PRO A 122 17.48 -34.75 12.25
C PRO A 122 17.69 -33.42 12.97
N GLY A 123 18.83 -32.77 12.78
CA GLY A 123 19.07 -31.43 13.33
C GLY A 123 18.21 -30.33 12.71
N MET A 124 17.95 -30.42 11.41
CA MET A 124 17.07 -29.45 10.74
C MET A 124 15.64 -29.49 11.30
N LEU A 125 15.15 -30.70 11.59
CA LEU A 125 13.75 -30.87 12.00
C LEU A 125 13.58 -30.88 13.52
N SER A 126 14.65 -30.55 14.23
CA SER A 126 14.70 -30.66 15.69
C SER A 126 13.89 -29.58 16.39
N GLY A 127 13.75 -28.43 15.72
CA GLY A 127 13.02 -27.31 16.27
C GLY A 127 13.91 -26.16 16.76
N GLU A 128 15.22 -26.38 16.72
CA GLU A 128 16.18 -25.39 17.18
C GLU A 128 16.86 -24.67 16.00
N GLN A 129 16.78 -25.27 14.81
CA GLN A 129 17.45 -24.72 13.63
C GLN A 129 16.49 -23.89 12.71
N ILE A 130 17.07 -23.03 11.86
CA ILE A 130 16.30 -22.27 10.85
C ILE A 130 16.99 -22.34 9.49
N GLY A 131 16.23 -22.74 8.48
CA GLY A 131 16.71 -22.84 7.12
C GLY A 131 16.35 -21.68 6.20
N ALA A 132 17.21 -21.44 5.21
CA ALA A 132 16.94 -20.46 4.19
C ALA A 132 17.22 -21.06 2.82
N TYR A 133 16.67 -20.42 1.78
CA TYR A 133 16.63 -20.95 0.43
C TYR A 133 17.15 -19.83 -0.50
N SER A 134 18.15 -20.14 -1.33
CA SER A 134 18.88 -19.14 -2.13
C SER A 134 19.00 -19.43 -3.63
N LEU A 135 18.20 -18.74 -4.43
CA LEU A 135 18.13 -19.02 -5.86
C LEU A 135 18.25 -17.76 -6.72
N SER A 136 17.49 -16.72 -6.35
CA SER A 136 17.46 -15.46 -7.08
C SER A 136 18.77 -14.65 -7.09
N GLU A 137 19.02 -13.98 -8.22
CA GLU A 137 20.13 -13.01 -8.38
C GLU A 137 19.53 -11.69 -8.91
N PRO A 138 20.31 -10.60 -8.91
CA PRO A 138 19.74 -9.32 -9.41
C PRO A 138 19.27 -9.38 -10.88
N GLN A 139 20.01 -10.10 -11.72
CA GLN A 139 19.64 -10.21 -13.14
C GLN A 139 18.70 -11.39 -13.46
N ALA A 140 18.15 -12.01 -12.42
CA ALA A 140 17.39 -13.26 -12.56
C ALA A 140 16.53 -13.59 -11.33
N GLY A 141 15.27 -13.15 -11.37
CA GLY A 141 14.27 -13.56 -10.40
C GLY A 141 13.28 -14.51 -11.05
N SER A 142 12.42 -13.96 -11.90
CA SER A 142 11.48 -14.74 -12.72
C SER A 142 12.18 -15.79 -13.58
N ASP A 143 13.29 -15.38 -14.22
CA ASP A 143 14.02 -16.28 -15.13
C ASP A 143 15.15 -16.96 -14.39
N ALA A 144 14.91 -18.20 -13.99
CA ALA A 144 15.85 -18.97 -13.16
C ALA A 144 17.13 -19.34 -13.90
N ALA A 145 16.99 -19.93 -15.08
CA ALA A 145 18.10 -20.42 -15.93
C ALA A 145 19.23 -19.41 -16.24
N ALA A 146 18.95 -18.12 -16.10
CA ALA A 146 19.94 -17.08 -16.41
C ALA A 146 20.89 -16.75 -15.23
N LEU A 147 20.88 -17.59 -14.19
CA LEU A 147 21.70 -17.34 -13.01
C LEU A 147 23.19 -17.52 -13.31
N ARG A 148 24.05 -16.93 -12.48
CA ARG A 148 25.47 -16.86 -12.80
C ARG A 148 26.50 -17.06 -11.69
N CYS A 149 26.05 -17.18 -10.44
CA CYS A 149 26.94 -17.50 -9.32
C CYS A 149 27.74 -18.76 -9.70
N ALA A 150 29.06 -18.65 -9.64
CA ALA A 150 29.92 -19.72 -10.15
C ALA A 150 30.41 -20.70 -9.07
N ALA A 151 30.20 -21.98 -9.31
CA ALA A 151 30.82 -23.04 -8.50
C ALA A 151 31.72 -23.90 -9.41
N THR A 152 33.03 -23.71 -9.25
CA THR A 152 34.00 -24.40 -10.11
C THR A 152 34.78 -25.49 -9.36
N PRO A 153 34.88 -26.69 -9.97
CA PRO A 153 35.39 -27.89 -9.26
C PRO A 153 36.87 -27.80 -8.91
N THR A 154 37.19 -28.23 -7.70
CA THR A 154 38.58 -28.32 -7.22
C THR A 154 38.84 -29.76 -6.76
N ASP A 155 40.06 -30.01 -6.28
CA ASP A 155 40.42 -31.29 -5.67
C ASP A 155 39.54 -31.57 -4.45
N GLY A 156 38.70 -32.59 -4.57
CA GLY A 156 37.74 -32.95 -3.51
C GLY A 156 36.77 -31.84 -3.09
N GLY A 157 36.23 -31.08 -4.05
CA GLY A 157 35.26 -30.04 -3.70
C GLY A 157 34.88 -29.08 -4.79
N TYR A 158 34.54 -27.86 -4.38
CA TYR A 158 34.23 -26.79 -5.33
C TYR A 158 34.68 -25.46 -4.77
N VAL A 159 34.94 -24.50 -5.65
CA VAL A 159 35.12 -23.12 -5.23
C VAL A 159 34.02 -22.22 -5.79
N ILE A 160 33.36 -21.48 -4.88
CA ILE A 160 32.21 -20.64 -5.23
C ILE A 160 32.59 -19.14 -5.29
N ASN A 161 32.41 -18.53 -6.47
CA ASN A 161 32.57 -17.08 -6.61
C ASN A 161 31.32 -16.40 -7.19
N GLY A 162 30.68 -15.55 -6.37
CA GLY A 162 29.58 -14.70 -6.88
C GLY A 162 28.58 -14.15 -5.90
N SER A 163 27.47 -13.66 -6.46
CA SER A 163 26.42 -12.92 -5.74
C SER A 163 25.04 -13.57 -5.83
N LYS A 164 24.27 -13.48 -4.75
CA LYS A 164 22.85 -13.89 -4.68
C LYS A 164 22.01 -12.79 -4.01
N SER A 165 20.69 -12.78 -4.22
CA SER A 165 19.85 -11.72 -3.64
C SER A 165 18.49 -12.18 -3.09
N TRP A 166 17.84 -11.28 -2.37
CA TRP A 166 16.50 -11.53 -1.81
C TRP A 166 16.47 -12.78 -0.94
N ILE A 167 17.40 -12.94 -0.01
CA ILE A 167 17.39 -14.12 0.86
C ILE A 167 16.65 -13.84 2.17
N THR A 168 15.45 -14.38 2.28
CA THR A 168 14.66 -14.39 3.53
C THR A 168 15.40 -15.10 4.68
N HIS A 169 15.54 -14.40 5.80
CA HIS A 169 16.34 -14.86 6.93
C HIS A 169 17.86 -14.76 6.63
N GLY A 170 18.21 -14.05 5.57
CA GLY A 170 19.62 -13.80 5.21
C GLY A 170 20.44 -13.23 6.36
N GLY A 171 21.50 -13.94 6.72
CA GLY A 171 22.35 -13.51 7.82
C GLY A 171 21.89 -13.97 9.20
N LYS A 172 20.88 -14.86 9.27
CA LYS A 172 20.40 -15.33 10.56
C LYS A 172 20.03 -16.82 10.57
N ALA A 173 20.18 -17.51 9.43
CA ALA A 173 19.82 -18.92 9.33
C ALA A 173 21.00 -19.78 9.70
N ASP A 174 20.73 -21.03 10.04
CA ASP A 174 21.78 -21.96 10.44
C ASP A 174 22.37 -22.70 9.24
N PHE A 175 21.59 -22.79 8.17
CA PHE A 175 21.99 -23.45 6.91
C PHE A 175 21.29 -22.82 5.72
N TYR A 176 21.92 -22.95 4.55
CA TYR A 176 21.44 -22.34 3.32
C TYR A 176 21.40 -23.36 2.20
N THR A 177 20.26 -23.43 1.51
CA THR A 177 20.18 -24.21 0.29
C THR A 177 20.53 -23.30 -0.89
N LEU A 178 21.68 -23.57 -1.52
CA LEU A 178 22.25 -22.76 -2.61
C LEU A 178 22.12 -23.38 -4.01
N PHE A 179 21.94 -22.52 -5.02
CA PHE A 179 21.99 -22.96 -6.44
C PHE A 179 23.08 -22.20 -7.20
N ALA A 180 24.10 -22.91 -7.69
CA ALA A 180 25.21 -22.27 -8.44
C ALA A 180 25.60 -22.98 -9.74
N ARG A 181 26.25 -22.24 -10.63
CA ARG A 181 26.58 -22.72 -11.98
C ARG A 181 27.90 -23.52 -12.07
N THR A 182 27.79 -24.73 -12.63
CA THR A 182 28.94 -25.64 -12.82
C THR A 182 29.32 -25.79 -14.30
N GLY A 183 28.36 -25.52 -15.20
CA GLY A 183 28.59 -25.54 -16.65
C GLY A 183 27.66 -24.60 -17.41
N SER A 186 22.48 -25.72 -20.00
CA SER A 186 21.10 -25.88 -19.52
C SER A 186 21.02 -26.87 -18.35
N ARG A 187 21.71 -28.00 -18.52
CA ARG A 187 21.97 -28.92 -17.43
C ARG A 187 23.29 -28.49 -16.78
N GLY A 188 23.47 -27.18 -16.62
CA GLY A 188 24.69 -26.61 -16.04
C GLY A 188 24.62 -26.19 -14.59
N VAL A 189 23.57 -26.58 -13.87
CA VAL A 189 23.28 -26.07 -12.51
C VAL A 189 23.28 -27.17 -11.43
N SER A 190 23.80 -26.85 -10.24
CA SER A 190 23.86 -27.80 -9.13
C SER A 190 23.39 -27.18 -7.81
N CYS A 191 22.96 -28.04 -6.89
CA CYS A 191 22.48 -27.68 -5.56
C CYS A 191 23.50 -27.99 -4.43
N PHE A 192 23.56 -27.12 -3.42
CA PHE A 192 24.53 -27.21 -2.31
C PHE A 192 23.92 -26.92 -0.94
N LEU A 193 24.29 -27.72 0.07
CA LEU A 193 23.94 -27.41 1.46
C LEU A 193 25.10 -26.67 2.12
N VAL A 194 24.89 -25.38 2.39
CA VAL A 194 25.92 -24.45 2.86
C VAL A 194 25.69 -24.12 4.33
N PRO A 195 26.68 -24.40 5.20
CA PRO A 195 26.54 -24.07 6.62
C PRO A 195 26.74 -22.58 6.88
N ALA A 196 26.24 -22.10 8.02
CA ALA A 196 26.29 -20.68 8.37
C ALA A 196 27.71 -20.15 8.65
N ASP A 197 28.65 -21.05 8.88
CA ASP A 197 30.02 -20.70 9.25
C ASP A 197 30.99 -20.85 8.08
N GLN A 198 30.44 -21.05 6.89
CA GLN A 198 31.21 -21.18 5.65
C GLN A 198 32.17 -19.99 5.47
N PRO A 199 33.46 -20.29 5.18
CA PRO A 199 34.48 -19.25 4.98
C PRO A 199 34.40 -18.64 3.57
N GLY A 200 34.49 -17.30 3.52
CA GLY A 200 34.31 -16.55 2.28
C GLY A 200 32.88 -16.08 2.03
N LEU A 201 31.96 -16.44 2.93
CA LEU A 201 30.54 -16.06 2.82
C LEU A 201 30.16 -14.89 3.72
N SER A 202 29.57 -13.85 3.13
CA SER A 202 29.17 -12.64 3.84
C SER A 202 27.83 -12.08 3.35
N PHE A 203 27.13 -11.32 4.20
CA PHE A 203 25.79 -10.83 3.87
C PHE A 203 25.69 -9.32 3.92
N GLY A 204 25.08 -8.72 2.91
CA GLY A 204 24.86 -7.27 2.86
C GLY A 204 23.82 -6.78 3.87
N LYS A 205 23.53 -5.48 3.86
CA LYS A 205 22.57 -4.91 4.80
C LYS A 205 21.11 -5.25 4.39
N PRO A 206 20.21 -5.39 5.38
CA PRO A 206 18.79 -5.66 5.11
C PRO A 206 18.14 -4.62 4.17
N GLU A 207 17.44 -5.10 3.15
CA GLU A 207 16.58 -4.24 2.30
C GLU A 207 15.58 -3.44 3.11
N GLU A 208 15.40 -2.18 2.72
CA GLU A 208 14.36 -1.29 3.26
C GLU A 208 13.05 -1.45 2.45
N LYS A 209 12.07 -2.14 3.00
CA LYS A 209 10.85 -2.52 2.27
C LYS A 209 9.63 -1.70 2.68
N MET A 210 8.58 -1.76 1.86
CA MET A 210 7.28 -1.15 2.18
C MET A 210 6.62 -1.77 3.43
N GLY A 211 6.89 -3.05 3.70
CA GLY A 211 6.32 -3.79 4.87
C GLY A 211 7.01 -5.14 5.09
N LEU A 212 6.52 -5.91 6.06
CA LEU A 212 7.05 -7.26 6.36
C LEU A 212 8.49 -7.16 6.90
N HIS A 213 8.67 -6.32 7.91
CA HIS A 213 10.01 -5.83 8.29
C HIS A 213 10.82 -6.74 9.21
N ALA A 214 10.15 -7.54 10.06
CA ALA A 214 10.80 -8.19 11.20
C ALA A 214 11.92 -9.20 10.86
N VAL A 215 11.63 -10.17 10.00
CA VAL A 215 12.61 -11.13 9.53
C VAL A 215 13.32 -10.45 8.34
N PRO A 216 14.67 -10.35 8.37
CA PRO A 216 15.34 -9.57 7.32
C PRO A 216 15.47 -10.30 5.97
N THR A 217 15.53 -9.52 4.89
CA THR A 217 15.78 -10.00 3.54
C THR A 217 17.11 -9.39 3.08
N THR A 218 18.09 -10.23 2.73
CA THR A 218 19.45 -9.70 2.40
C THR A 218 20.09 -10.35 1.17
N SER A 219 21.12 -9.70 0.63
CA SER A 219 21.96 -10.31 -0.40
C SER A 219 23.12 -11.14 0.19
N ALA A 220 23.78 -11.93 -0.65
CA ALA A 220 24.98 -12.71 -0.23
C ALA A 220 26.15 -12.63 -1.19
N PHE A 221 27.35 -12.75 -0.65
CA PHE A 221 28.56 -12.70 -1.47
C PHE A 221 29.53 -13.85 -1.18
N TYR A 222 29.87 -14.60 -2.22
CA TYR A 222 30.84 -15.70 -2.14
C TYR A 222 32.22 -15.29 -2.69
N ASP A 223 33.23 -15.29 -1.80
CA ASP A 223 34.58 -14.82 -2.10
C ASP A 223 35.58 -15.97 -1.91
N ASN A 224 35.89 -16.68 -2.99
CA ASN A 224 36.70 -17.91 -2.94
C ASN A 224 36.24 -18.86 -1.84
N ALA A 225 34.95 -19.18 -1.86
CA ALA A 225 34.36 -20.03 -0.85
C ALA A 225 34.50 -21.51 -1.22
N ARG A 226 35.57 -22.14 -0.73
CA ARG A 226 35.81 -23.57 -0.97
C ARG A 226 34.85 -24.44 -0.18
N ILE A 227 34.23 -25.39 -0.86
CA ILE A 227 33.24 -26.27 -0.24
C ILE A 227 33.49 -27.74 -0.59
N ASP A 228 33.28 -28.62 0.39
CA ASP A 228 33.46 -30.07 0.23
C ASP A 228 32.45 -30.67 -0.77
N ALA A 229 32.93 -31.54 -1.66
CA ALA A 229 32.06 -32.13 -2.69
C ALA A 229 30.98 -33.07 -2.14
N ASP A 230 31.09 -33.44 -0.86
CA ASP A 230 30.06 -34.22 -0.19
C ASP A 230 28.86 -33.35 0.23
N ARG A 231 28.97 -32.02 0.05
CA ARG A 231 27.89 -31.09 0.37
C ARG A 231 26.92 -30.92 -0.80
N ARG A 232 27.32 -31.36 -1.99
CA ARG A 232 26.47 -31.31 -3.19
C ARG A 232 25.24 -32.22 -3.00
N ILE A 233 24.05 -31.68 -3.27
CA ILE A 233 22.81 -32.47 -3.18
C ILE A 233 22.45 -32.93 -4.59
N GLY A 234 22.39 -34.25 -4.78
CA GLY A 234 22.12 -34.84 -6.08
C GLY A 234 23.30 -34.81 -7.02
N GLU A 235 23.07 -35.21 -8.26
CA GLU A 235 24.13 -35.31 -9.26
C GLU A 235 24.53 -33.95 -9.82
N GLU A 236 25.75 -33.87 -10.36
CA GLU A 236 26.26 -32.65 -10.98
C GLU A 236 25.46 -32.32 -12.25
N GLY A 237 24.82 -31.16 -12.25
CA GLY A 237 23.92 -30.76 -13.34
C GLY A 237 22.45 -31.08 -13.10
N GLN A 238 22.11 -31.44 -11.87
CA GLN A 238 20.74 -31.81 -11.53
C GLN A 238 19.90 -30.65 -10.97
N GLY A 239 20.57 -29.56 -10.59
CA GLY A 239 19.96 -28.38 -9.94
C GLY A 239 18.63 -27.81 -10.41
N LEU A 240 18.45 -27.59 -11.71
CA LEU A 240 17.20 -27.02 -12.21
C LEU A 240 16.03 -27.95 -12.01
N GLN A 241 16.29 -29.26 -12.07
CA GLN A 241 15.28 -30.28 -11.76
C GLN A 241 14.91 -30.27 -10.28
N ILE A 242 15.90 -30.05 -9.42
CA ILE A 242 15.63 -29.89 -7.99
C ILE A 242 14.77 -28.63 -7.69
N ALA A 243 15.16 -27.51 -8.27
CA ALA A 243 14.44 -26.25 -8.03
C ALA A 243 13.02 -26.30 -8.56
N PHE A 244 12.84 -26.98 -9.69
CA PHE A 244 11.53 -27.15 -10.34
C PHE A 244 10.58 -27.96 -9.47
N SER A 245 11.13 -28.95 -8.75
CA SER A 245 10.32 -29.89 -7.97
C SER A 245 9.78 -29.29 -6.69
N ALA A 246 10.39 -28.20 -6.24
CA ALA A 246 9.91 -27.49 -5.06
C ALA A 246 8.76 -26.45 -5.31
N LEU A 247 8.48 -26.14 -6.58
CA LEU A 247 7.57 -25.02 -6.96
C LEU A 247 6.14 -25.22 -6.42
N ASP A 248 5.60 -26.41 -6.69
CA ASP A 248 4.25 -26.80 -6.26
C ASP A 248 4.05 -26.61 -4.74
N SER A 249 5.03 -27.05 -3.95
CA SER A 249 4.95 -26.94 -2.48
C SER A 249 5.04 -25.51 -1.98
N GLY A 250 5.95 -24.72 -2.54
CA GLY A 250 6.10 -23.34 -2.13
C GLY A 250 4.89 -22.48 -2.48
N ARG A 251 4.32 -22.72 -3.66
CA ARG A 251 3.17 -21.96 -4.08
C ARG A 251 1.95 -22.18 -3.14
N LEU A 252 1.75 -23.40 -2.60
CA LEU A 252 0.70 -23.67 -1.57
C LEU A 252 0.95 -23.05 -0.19
N GLY A 253 2.18 -23.17 0.31
CA GLY A 253 2.61 -22.39 1.48
C GLY A 253 2.11 -20.94 1.44
N ILE A 254 2.48 -20.19 0.41
CA ILE A 254 2.12 -18.78 0.27
C ILE A 254 0.61 -18.53 0.08
N ALA A 255 -0.08 -19.43 -0.64
CA ALA A 255 -1.54 -19.38 -0.71
C ALA A 255 -2.13 -19.41 0.69
N ALA A 256 -1.59 -20.26 1.57
CA ALA A 256 -2.09 -20.36 2.97
C ALA A 256 -1.79 -19.10 3.76
N VAL A 257 -0.57 -18.54 3.58
CA VAL A 257 -0.19 -17.29 4.24
C VAL A 257 -1.08 -16.12 3.83
N ALA A 258 -1.39 -16.00 2.53
CA ALA A 258 -2.18 -14.86 2.05
C ALA A 258 -3.61 -14.96 2.55
N THR A 259 -4.14 -16.19 2.63
CA THR A 259 -5.52 -16.41 3.14
C THR A 259 -5.64 -15.95 4.61
N GLY A 260 -4.60 -16.18 5.41
CA GLY A 260 -4.67 -15.86 6.86
C GLY A 260 -4.50 -14.37 7.10
N LEU A 261 -3.69 -13.70 6.25
CA LEU A 261 -3.60 -12.24 6.25
C LEU A 261 -4.94 -11.59 5.84
N ALA A 262 -5.56 -12.12 4.78
CA ALA A 262 -6.93 -11.66 4.44
C ALA A 262 -7.95 -11.92 5.57
N GLN A 263 -7.91 -13.09 6.20
CA GLN A 263 -8.83 -13.39 7.32
C GLN A 263 -8.62 -12.41 8.49
N ALA A 264 -7.37 -12.12 8.84
CA ALA A 264 -7.08 -11.12 9.88
C ALA A 264 -7.68 -9.72 9.58
N ALA A 265 -7.59 -9.28 8.34
CA ALA A 265 -8.11 -7.98 7.92
C ALA A 265 -9.65 -8.02 7.87
N LEU A 266 -10.23 -9.15 7.49
CA LEU A 266 -11.67 -9.30 7.56
C LEU A 266 -12.21 -9.20 9.02
N ASP A 267 -11.56 -9.86 9.99
CA ASP A 267 -11.98 -9.80 11.41
C ASP A 267 -11.94 -8.36 11.99
N GLU A 268 -10.85 -7.62 11.74
CA GLU A 268 -10.79 -6.19 12.08
C GLU A 268 -12.01 -5.40 11.57
N ALA A 269 -12.35 -5.57 10.28
CA ALA A 269 -13.39 -4.77 9.64
C ALA A 269 -14.81 -5.13 10.11
N VAL A 270 -15.07 -6.43 10.28
CA VAL A 270 -16.32 -6.89 10.89
C VAL A 270 -16.51 -6.33 12.31
N ALA A 271 -15.52 -6.46 13.17
CA ALA A 271 -15.59 -5.84 14.51
C ALA A 271 -15.89 -4.32 14.44
N TYR A 272 -15.07 -3.56 13.69
CA TYR A 272 -15.32 -2.11 13.52
C TYR A 272 -16.70 -1.73 13.00
N ALA A 273 -17.16 -2.39 11.92
CA ALA A 273 -18.49 -2.12 11.34
C ALA A 273 -19.62 -2.39 12.34
N ASN A 274 -19.37 -3.27 13.33
CA ASN A 274 -20.41 -3.50 14.34
C ASN A 274 -20.40 -2.46 15.48
N GLU A 275 -19.23 -1.89 15.78
CA GLU A 275 -19.08 -0.89 16.85
C GLU A 275 -19.47 0.51 16.38
N LYS A 282 -25.31 2.00 13.79
CA LYS A 282 -24.20 1.12 13.39
C LYS A 282 -23.50 1.62 12.13
N ILE A 283 -22.17 1.52 12.12
CA ILE A 283 -21.32 1.96 11.01
C ILE A 283 -21.63 1.18 9.73
N ILE A 284 -22.03 -0.08 9.90
CA ILE A 284 -22.49 -0.92 8.78
C ILE A 284 -23.56 -0.19 7.94
N ASP A 285 -24.68 0.21 8.56
CA ASP A 285 -25.72 0.97 7.88
C ASP A 285 -25.20 2.31 7.32
N HIS A 286 -24.71 3.20 8.20
CA HIS A 286 -24.17 4.51 7.82
C HIS A 286 -22.78 4.40 7.15
N GLY A 288 -23.35 1.55 1.81
CA GLY A 288 -23.49 0.18 1.28
C GLY A 288 -22.29 -0.65 1.72
N LEU A 289 -21.98 -0.50 3.02
CA LEU A 289 -20.87 -1.23 3.62
C LEU A 289 -21.13 -2.72 3.77
N GLY A 290 -22.41 -3.10 3.87
CA GLY A 290 -22.83 -4.50 3.96
C GLY A 290 -22.39 -5.34 2.76
N PHE A 291 -22.61 -4.79 1.55
CA PHE A 291 -22.21 -5.40 0.29
C PHE A 291 -20.67 -5.46 0.12
N LEU A 292 -19.96 -4.44 0.60
CA LEU A 292 -18.50 -4.49 0.57
C LEU A 292 -17.96 -5.61 1.49
N LEU A 293 -18.49 -5.72 2.71
CA LEU A 293 -18.12 -6.80 3.64
C LEU A 293 -18.50 -8.20 3.13
N ALA A 294 -19.66 -8.30 2.50
CA ALA A 294 -20.12 -9.57 1.90
C ALA A 294 -19.15 -10.05 0.83
N ASP A 295 -18.69 -9.15 -0.04
CA ASP A 295 -17.70 -9.51 -1.09
C ASP A 295 -16.33 -9.87 -0.51
N MET A 296 -15.93 -9.20 0.58
CA MET A 296 -14.74 -9.60 1.34
C MET A 296 -14.85 -11.04 1.93
N ALA A 297 -15.99 -11.39 2.52
CA ALA A 297 -16.17 -12.71 3.14
C ALA A 297 -16.14 -13.86 2.08
N ALA A 298 -16.78 -13.63 0.95
CA ALA A 298 -16.73 -14.53 -0.21
C ALA A 298 -15.29 -14.76 -0.75
N ALA A 299 -14.49 -13.70 -0.81
CA ALA A 299 -13.12 -13.81 -1.28
C ALA A 299 -12.25 -14.69 -0.35
N VAL A 300 -12.34 -14.47 0.96
CA VAL A 300 -11.61 -15.32 1.91
C VAL A 300 -12.05 -16.80 1.83
N ALA A 301 -13.36 -17.06 1.81
CA ALA A 301 -13.83 -18.45 1.84
C ALA A 301 -13.37 -19.20 0.57
N THR A 302 -13.52 -18.54 -0.56
CA THR A 302 -13.10 -19.04 -1.85
C THR A 302 -11.57 -19.35 -1.91
N ALA A 303 -10.74 -18.48 -1.35
CA ALA A 303 -9.30 -18.72 -1.32
C ALA A 303 -8.94 -19.93 -0.42
N ARG A 304 -9.60 -20.06 0.74
CA ARG A 304 -9.37 -21.20 1.64
C ARG A 304 -9.74 -22.53 0.96
N ALA A 305 -10.93 -22.62 0.37
CA ALA A 305 -11.36 -23.85 -0.33
C ALA A 305 -10.47 -24.27 -1.51
N THR A 306 -9.99 -23.28 -2.27
CA THR A 306 -9.06 -23.53 -3.36
C THR A 306 -7.70 -24.12 -2.91
N TYR A 307 -7.10 -23.59 -1.85
CA TYR A 307 -5.80 -24.17 -1.43
C TYR A 307 -5.95 -25.60 -0.85
N LEU A 308 -7.09 -25.85 -0.22
CA LEU A 308 -7.37 -27.15 0.37
C LEU A 308 -7.67 -28.23 -0.67
N ASP A 309 -8.36 -27.85 -1.74
CA ASP A 309 -8.61 -28.77 -2.85
C ASP A 309 -7.26 -29.27 -3.42
N ALA A 310 -6.32 -28.35 -3.68
CA ALA A 310 -4.97 -28.73 -4.13
C ALA A 310 -4.22 -29.59 -3.11
N ALA A 311 -4.35 -29.28 -1.82
CA ALA A 311 -3.70 -30.04 -0.74
C ALA A 311 -4.12 -31.53 -0.69
N ARG A 312 -5.42 -31.79 -0.81
CA ARG A 312 -5.93 -33.16 -0.77
C ARG A 312 -5.44 -33.99 -1.96
N ARG A 313 -5.30 -33.36 -3.15
CA ARG A 313 -4.67 -34.00 -4.30
C ARG A 313 -3.21 -34.41 -4.03
N ARG A 314 -2.44 -33.53 -3.37
CA ARG A 314 -1.07 -33.81 -3.00
C ARG A 314 -1.00 -34.94 -1.97
N ASP A 315 -1.83 -34.82 -0.93
CA ASP A 315 -1.88 -35.85 0.12
C ASP A 315 -2.22 -37.23 -0.46
N GLN A 316 -3.02 -37.27 -1.52
CA GLN A 316 -3.36 -38.53 -2.19
C GLN A 316 -2.32 -39.03 -3.20
N GLY A 317 -1.24 -38.27 -3.38
CA GLY A 317 -0.21 -38.62 -4.36
C GLY A 317 -0.57 -38.45 -5.82
N ARG A 318 -1.47 -37.49 -6.11
CA ARG A 318 -1.91 -37.19 -7.49
C ARG A 318 -1.32 -35.87 -8.05
N PRO A 319 -1.41 -35.68 -9.40
CA PRO A 319 -0.95 -34.40 -9.99
C PRO A 319 -1.68 -33.17 -9.41
N TYR A 320 -0.94 -32.13 -9.07
CA TYR A 320 -1.54 -30.96 -8.41
C TYR A 320 -0.88 -29.60 -8.80
N SER A 321 -0.13 -29.64 -9.89
CA SER A 321 0.62 -28.49 -10.40
C SER A 321 -0.26 -27.32 -10.86
N GLN A 322 -1.20 -27.58 -11.78
CA GLN A 322 -2.14 -26.56 -12.24
C GLN A 322 -2.86 -25.94 -11.05
N GLN A 323 -3.34 -26.81 -10.15
CA GLN A 323 -4.21 -26.42 -9.06
C GLN A 323 -3.46 -25.62 -8.00
N ALA A 324 -2.17 -25.89 -7.87
CA ALA A 324 -1.31 -25.11 -6.99
C ALA A 324 -0.99 -23.70 -7.52
N SER A 325 -0.83 -23.54 -8.84
CA SER A 325 -0.71 -22.22 -9.46
C SER A 325 -2.00 -21.37 -9.30
N ILE A 326 -3.12 -22.03 -9.53
CA ILE A 326 -4.44 -21.43 -9.39
C ILE A 326 -4.63 -20.99 -7.92
N ALA A 327 -4.34 -21.86 -6.97
CA ALA A 327 -4.46 -21.49 -5.55
C ALA A 327 -3.64 -20.21 -5.15
N LYS A 328 -2.38 -20.13 -5.59
CA LYS A 328 -1.51 -19.00 -5.24
C LYS A 328 -1.99 -17.68 -5.86
N LEU A 329 -2.30 -17.70 -7.17
CA LEU A 329 -2.90 -16.55 -7.87
C LEU A 329 -4.18 -16.05 -7.20
N THR A 330 -5.11 -16.97 -6.97
CA THR A 330 -6.43 -16.68 -6.37
C THR A 330 -6.28 -16.09 -4.96
N ALA A 331 -5.52 -16.77 -4.11
CA ALA A 331 -5.36 -16.35 -2.72
C ALA A 331 -4.62 -15.01 -2.53
N THR A 332 -3.66 -14.69 -3.41
CA THR A 332 -2.94 -13.41 -3.29
C THR A 332 -3.71 -12.26 -3.93
N ASP A 333 -4.38 -12.49 -5.06
CA ASP A 333 -5.31 -11.47 -5.56
C ASP A 333 -6.40 -11.13 -4.47
N ALA A 334 -6.88 -12.14 -3.74
CA ALA A 334 -7.87 -11.90 -2.66
C ALA A 334 -7.31 -11.09 -1.47
N ALA A 335 -6.08 -11.37 -1.04
CA ALA A 335 -5.49 -10.60 0.05
C ALA A 335 -5.34 -9.11 -0.33
N MET A 336 -4.91 -8.83 -1.56
CA MET A 336 -4.77 -7.44 -1.97
C MET A 336 -6.13 -6.74 -2.00
N LYS A 337 -7.15 -7.41 -2.50
CA LYS A 337 -8.51 -6.82 -2.52
C LYS A 337 -9.16 -6.65 -1.13
N VAL A 338 -9.04 -7.67 -0.28
CA VAL A 338 -9.65 -7.63 1.08
C VAL A 338 -8.94 -6.61 2.00
N THR A 339 -7.62 -6.52 1.93
CA THR A 339 -6.90 -5.58 2.83
C THR A 339 -7.17 -4.12 2.43
N THR A 340 -7.27 -3.87 1.10
CA THR A 340 -7.61 -2.57 0.53
C THR A 340 -9.03 -2.08 0.89
N ASP A 341 -10.00 -2.98 0.82
CA ASP A 341 -11.37 -2.73 1.28
C ASP A 341 -11.52 -2.67 2.83
N ALA A 342 -10.63 -3.32 3.58
CA ALA A 342 -10.69 -3.21 5.02
C ALA A 342 -10.32 -1.79 5.55
N VAL A 343 -9.37 -1.09 4.89
CA VAL A 343 -9.03 0.29 5.22
C VAL A 343 -10.26 1.15 4.88
N GLN A 344 -10.88 0.84 3.75
CA GLN A 344 -12.10 1.51 3.31
C GLN A 344 -13.24 1.47 4.37
N VAL A 345 -13.51 0.30 4.94
CA VAL A 345 -14.49 0.11 6.04
C VAL A 345 -14.22 1.02 7.29
N PHE A 346 -12.96 1.18 7.68
CA PHE A 346 -12.62 2.05 8.82
C PHE A 346 -12.78 3.59 8.56
N GLY A 347 -12.78 4.02 7.30
CA GLY A 347 -12.77 5.45 6.99
C GLY A 347 -11.42 6.07 7.34
N GLY A 348 -11.42 7.37 7.68
CA GLY A 348 -10.19 8.12 7.95
C GLY A 348 -9.27 7.50 9.00
N VAL A 349 -9.84 6.95 10.09
CA VAL A 349 -8.96 6.36 11.11
C VAL A 349 -8.27 5.09 10.60
N GLY A 350 -8.86 4.44 9.60
CA GLY A 350 -8.24 3.29 8.93
C GLY A 350 -6.89 3.61 8.28
N TYR A 351 -6.73 4.87 7.86
CA TYR A 351 -5.49 5.34 7.28
C TYR A 351 -4.43 5.76 8.32
N THR A 352 -4.71 5.59 9.61
CA THR A 352 -3.70 5.93 10.64
C THR A 352 -3.05 4.68 11.24
N ARG A 353 -1.90 4.90 11.90
CA ARG A 353 -1.22 3.86 12.69
C ARG A 353 -1.85 3.61 14.08
N ASP A 354 -3.07 4.09 14.32
CA ASP A 354 -3.85 3.67 15.48
C ASP A 354 -4.47 2.27 15.33
N TYR A 355 -4.62 1.78 14.09
CA TYR A 355 -5.11 0.43 13.86
C TYR A 355 -4.15 -0.36 12.97
N ARG A 356 -4.39 -1.68 12.88
CA ARG A 356 -3.55 -2.62 12.12
C ARG A 356 -3.79 -2.69 10.59
N VAL A 357 -4.97 -2.27 10.11
CA VAL A 357 -5.36 -2.48 8.70
C VAL A 357 -4.42 -1.80 7.65
N GLU A 358 -3.80 -0.67 8.03
CA GLU A 358 -2.86 -0.01 7.10
C GLU A 358 -1.59 -0.85 6.92
N ARG A 359 -1.16 -1.52 8.00
CA ARG A 359 -0.06 -2.48 7.88
C ARG A 359 -0.42 -3.71 7.00
N TYR A 360 -1.63 -4.24 7.18
CA TYR A 360 -2.06 -5.45 6.44
C TYR A 360 -2.06 -5.20 4.93
N MET A 361 -2.55 -4.04 4.52
CA MET A 361 -2.47 -3.56 3.14
C MET A 361 -1.06 -3.47 2.55
N ARG A 362 -0.10 -3.01 3.32
CA ARG A 362 1.31 -2.95 2.90
C ARG A 362 1.93 -4.37 2.81
N GLU A 363 1.54 -5.28 3.70
CA GLU A 363 2.03 -6.65 3.64
C GLU A 363 1.51 -7.46 2.46
N ALA A 364 0.29 -7.15 1.99
CA ALA A 364 -0.32 -8.00 0.96
C ALA A 364 0.31 -7.82 -0.44
N LYS A 365 0.80 -6.60 -0.72
CA LYS A 365 1.36 -6.28 -2.05
C LYS A 365 2.51 -7.21 -2.50
N ILE A 366 3.44 -7.54 -1.60
CA ILE A 366 4.63 -8.37 -1.97
C ILE A 366 4.22 -9.85 -2.25
N MET A 367 3.13 -10.28 -1.66
CA MET A 367 2.60 -11.62 -1.91
C MET A 367 2.19 -11.86 -3.38
N GLN A 368 1.72 -10.81 -4.03
CA GLN A 368 1.43 -10.88 -5.48
C GLN A 368 2.73 -11.06 -6.32
N ILE A 369 3.89 -10.83 -5.68
CA ILE A 369 5.17 -10.73 -6.35
C ILE A 369 6.11 -11.93 -6.12
N PHE A 370 6.37 -12.33 -4.87
CA PHE A 370 7.27 -13.46 -4.69
C PHE A 370 6.65 -14.86 -4.87
N GLU A 371 7.52 -15.89 -4.94
CA GLU A 371 7.12 -17.27 -5.19
C GLU A 371 6.50 -17.37 -6.61
N GLY A 372 7.00 -16.55 -7.54
CA GLY A 372 6.50 -16.51 -8.91
C GLY A 372 5.39 -15.47 -8.95
N THR A 373 5.64 -14.37 -9.68
CA THR A 373 4.70 -13.25 -9.79
C THR A 373 3.39 -13.78 -10.35
N ASN A 374 2.31 -13.06 -10.10
CA ASN A 374 1.03 -13.43 -10.71
C ASN A 374 0.95 -13.41 -12.26
N GLN A 375 1.91 -12.75 -12.93
CA GLN A 375 2.01 -12.88 -14.41
C GLN A 375 2.65 -14.24 -14.82
N ILE A 376 3.70 -14.66 -14.12
CA ILE A 376 4.26 -16.02 -14.30
C ILE A 376 3.24 -17.15 -13.99
N GLN A 377 2.47 -17.01 -12.89
CA GLN A 377 1.36 -17.96 -12.59
C GLN A 377 0.40 -18.14 -13.78
N ARG A 378 -0.09 -17.04 -14.34
CA ARG A 378 -0.93 -17.09 -15.52
C ARG A 378 -0.26 -17.79 -16.74
N LEU A 379 1.05 -17.59 -16.87
CA LEU A 379 1.81 -18.17 -17.98
C LEU A 379 1.94 -19.70 -17.77
N VAL A 380 2.21 -20.11 -16.53
CA VAL A 380 2.18 -21.54 -16.19
C VAL A 380 0.81 -22.21 -16.51
N ILE A 381 -0.28 -21.61 -16.04
CA ILE A 381 -1.63 -22.12 -16.31
C ILE A 381 -1.96 -22.23 -17.82
N ALA A 382 -1.64 -21.19 -18.60
CA ALA A 382 -1.90 -21.26 -20.04
C ALA A 382 -1.12 -22.41 -20.72
N ARG A 383 0.13 -22.62 -20.31
CA ARG A 383 0.94 -23.72 -20.86
C ARG A 383 0.29 -25.08 -20.59
N GLY A 384 -0.22 -25.28 -19.36
CA GLY A 384 -0.98 -26.48 -18.99
C GLY A 384 -2.27 -26.70 -19.78
N LEU A 385 -2.69 -25.69 -20.53
CA LEU A 385 -3.83 -25.79 -21.47
C LEU A 385 -3.38 -26.00 -22.93
N THR A 386 -2.07 -26.08 -23.15
CA THR A 386 -1.56 -26.20 -24.52
C THR A 386 -1.28 -27.67 -24.92
N MET B 9 7.30 13.55 -23.98
CA MET B 9 6.83 12.65 -22.83
C MET B 9 5.82 13.32 -21.87
N ALA B 10 5.78 14.66 -21.88
CA ALA B 10 4.77 15.37 -21.10
C ALA B 10 3.40 15.17 -21.73
N VAL B 11 2.35 15.27 -20.92
CA VAL B 11 0.97 15.11 -21.41
C VAL B 11 0.61 16.11 -22.52
N ASP B 12 0.00 15.60 -23.59
CA ASP B 12 -0.54 16.44 -24.65
C ASP B 12 -1.93 16.96 -24.21
N ARG B 13 -2.04 18.24 -23.90
CA ARG B 13 -3.27 18.77 -23.30
C ARG B 13 -4.18 19.52 -24.26
N LEU B 14 -5.49 19.41 -24.01
CA LEU B 14 -6.51 20.23 -24.68
C LEU B 14 -6.76 21.54 -23.93
N LEU B 15 -6.33 22.63 -24.53
CA LEU B 15 -6.38 23.93 -23.89
C LEU B 15 -7.11 24.99 -24.72
N PRO B 16 -7.81 25.92 -24.06
CA PRO B 16 -8.57 26.99 -24.74
C PRO B 16 -7.75 28.12 -25.39
N SER B 17 -6.52 28.39 -24.94
CA SER B 17 -5.73 29.52 -25.46
C SER B 17 -4.20 29.37 -25.37
N GLN B 18 -3.49 30.29 -26.05
CA GLN B 18 -2.04 30.43 -26.00
C GLN B 18 -1.50 30.73 -24.58
N GLU B 19 -2.19 31.65 -23.92
CA GLU B 19 -1.87 32.04 -22.56
C GLU B 19 -2.02 30.89 -21.52
N ALA B 20 -2.95 29.97 -21.77
CA ALA B 20 -3.14 28.79 -20.94
C ALA B 20 -2.00 27.78 -21.14
N ALA B 21 -1.53 27.60 -22.38
CA ALA B 21 -0.38 26.72 -22.63
C ALA B 21 0.86 27.23 -21.89
N GLU B 22 1.05 28.55 -21.90
CA GLU B 22 2.18 29.24 -21.24
C GLU B 22 2.08 29.22 -19.68
N LEU B 23 0.86 29.13 -19.19
CA LEU B 23 0.65 28.88 -17.75
C LEU B 23 1.08 27.44 -17.41
N ILE B 24 0.76 26.49 -18.29
CA ILE B 24 1.15 25.10 -18.04
C ILE B 24 2.67 24.98 -17.99
N GLU B 25 3.37 25.55 -18.97
CA GLU B 25 4.85 25.50 -19.01
C GLU B 25 5.51 26.14 -17.78
N LEU B 26 4.89 27.22 -17.27
CA LEU B 26 5.33 27.89 -16.05
C LEU B 26 5.20 27.02 -14.76
N THR B 27 4.06 26.36 -14.63
CA THR B 27 3.86 25.41 -13.57
C THR B 27 4.91 24.29 -13.60
N ARG B 28 5.18 23.74 -14.79
CA ARG B 28 6.14 22.65 -14.97
C ARG B 28 7.57 23.08 -14.63
N GLU B 29 7.87 24.35 -14.87
CA GLU B 29 9.22 24.87 -14.61
C GLU B 29 9.41 25.07 -13.10
N ILE B 30 8.41 25.65 -12.44
CA ILE B 30 8.46 25.82 -10.99
C ILE B 30 8.41 24.49 -10.24
N ALA B 31 7.64 23.53 -10.73
CA ALA B 31 7.47 22.28 -9.99
C ALA B 31 8.77 21.48 -10.04
N ASP B 32 9.45 21.56 -11.16
CA ASP B 32 10.64 20.77 -11.36
C ASP B 32 11.89 21.31 -10.62
N LYS B 33 11.87 22.59 -10.24
CA LYS B 33 12.99 23.14 -9.47
C LYS B 33 12.69 23.46 -7.98
N VAL B 34 11.42 23.66 -7.63
CA VAL B 34 11.01 23.90 -6.23
C VAL B 34 10.46 22.64 -5.49
N LEU B 35 9.80 21.74 -6.23
CA LEU B 35 9.16 20.55 -5.64
C LEU B 35 9.98 19.25 -5.79
N ASP B 36 10.35 18.91 -7.03
CA ASP B 36 10.98 17.62 -7.30
C ASP B 36 12.31 17.30 -6.57
N PRO B 37 13.21 18.29 -6.39
CA PRO B 37 14.46 17.97 -5.68
C PRO B 37 14.33 17.73 -4.16
N ILE B 38 13.17 18.05 -3.56
CA ILE B 38 13.01 17.91 -2.10
C ILE B 38 11.91 16.98 -1.56
N VAL B 39 11.00 16.53 -2.44
CA VAL B 39 9.84 15.71 -2.06
C VAL B 39 10.17 14.40 -1.33
N ASP B 40 11.14 13.61 -1.83
CA ASP B 40 11.41 12.29 -1.18
C ASP B 40 11.96 12.45 0.25
N ARG B 41 12.88 13.41 0.44
CA ARG B 41 13.42 13.69 1.77
C ARG B 41 12.36 14.14 2.81
N HIS B 42 11.52 15.12 2.46
CA HIS B 42 10.49 15.61 3.39
C HIS B 42 9.40 14.58 3.74
N GLU B 43 9.07 13.73 2.77
CA GLU B 43 8.03 12.72 3.00
C GLU B 43 8.57 11.60 3.88
N LYS B 44 9.84 11.25 3.69
CA LYS B 44 10.52 10.24 4.52
C LYS B 44 10.66 10.67 6.00
N ASP B 45 11.01 11.94 6.23
CA ASP B 45 11.25 12.52 7.58
C ASP B 45 9.97 13.09 8.17
N GLU B 46 8.92 13.21 7.36
CA GLU B 46 7.63 13.78 7.80
C GLU B 46 7.72 15.29 8.25
N THR B 47 8.61 16.05 7.58
CA THR B 47 8.87 17.46 7.91
C THR B 47 8.18 18.45 6.97
N TYR B 48 7.96 19.67 7.44
CA TYR B 48 7.20 20.68 6.71
C TYR B 48 8.08 21.48 5.69
N PRO B 49 7.61 21.65 4.44
CA PRO B 49 8.35 22.45 3.44
C PRO B 49 8.26 23.99 3.63
N GLU B 50 8.95 24.54 4.62
CA GLU B 50 8.83 25.99 4.88
C GLU B 50 9.32 26.77 3.67
N GLY B 51 8.55 27.78 3.28
CA GLY B 51 8.87 28.60 2.12
C GLY B 51 8.35 28.12 0.77
N VAL B 52 7.88 26.87 0.68
CA VAL B 52 7.40 26.36 -0.61
C VAL B 52 6.13 27.07 -1.07
N PHE B 53 5.21 27.31 -0.14
CA PHE B 53 3.97 27.99 -0.52
C PHE B 53 4.17 29.47 -0.93
N GLU B 54 5.14 30.16 -0.33
CA GLU B 54 5.48 31.52 -0.74
C GLU B 54 5.94 31.58 -2.20
N GLN B 55 6.73 30.60 -2.63
CA GLN B 55 7.23 30.58 -4.01
C GLN B 55 6.13 30.22 -5.01
N LEU B 56 5.19 29.36 -4.62
CA LEU B 56 4.05 29.06 -5.50
C LEU B 56 3.15 30.30 -5.59
N GLY B 57 2.93 30.91 -4.42
CA GLY B 57 2.17 32.13 -4.31
C GLY B 57 2.65 33.28 -5.17
N ALA B 58 3.97 33.51 -5.22
CA ALA B 58 4.55 34.65 -5.97
C ALA B 58 4.43 34.50 -7.49
N ALA B 59 4.29 33.25 -7.95
CA ALA B 59 4.10 32.98 -9.38
C ALA B 59 2.62 32.98 -9.75
N GLY B 60 1.74 33.32 -8.80
CA GLY B 60 0.29 33.41 -9.06
C GLY B 60 -0.52 32.12 -9.01
N LEU B 61 0.10 31.04 -8.53
CA LEU B 61 -0.49 29.70 -8.63
C LEU B 61 -1.44 29.34 -7.46
N LEU B 62 -1.53 30.20 -6.46
CA LEU B 62 -2.42 29.93 -5.32
C LEU B 62 -3.81 30.60 -5.43
N SER B 63 -4.03 31.36 -6.49
CA SER B 63 -5.28 32.09 -6.58
C SER B 63 -5.76 32.17 -8.03
N LEU B 64 -5.55 31.06 -8.76
CA LEU B 64 -5.82 31.05 -10.20
C LEU B 64 -7.29 31.24 -10.59
N PRO B 65 -8.25 30.54 -9.91
CA PRO B 65 -9.65 30.66 -10.36
C PRO B 65 -10.52 31.80 -9.78
N GLN B 66 -10.03 32.51 -8.76
CA GLN B 66 -10.76 33.64 -8.16
C GLN B 66 -10.76 34.92 -9.05
N PRO B 67 -11.81 35.78 -8.95
CA PRO B 67 -11.88 36.95 -9.86
C PRO B 67 -10.72 37.97 -9.72
N GLU B 68 -10.30 38.52 -10.86
CA GLU B 68 -9.16 39.45 -10.96
C GLU B 68 -9.37 40.74 -10.15
N GLU B 69 -10.61 41.20 -10.10
CA GLU B 69 -10.99 42.35 -9.28
C GLU B 69 -10.55 42.21 -7.81
N TRP B 70 -10.50 40.98 -7.30
CA TRP B 70 -10.10 40.72 -5.91
C TRP B 70 -8.64 40.25 -5.80
N GLY B 71 -7.93 40.30 -6.92
CA GLY B 71 -6.50 39.93 -6.98
C GLY B 71 -6.17 38.51 -7.47
N GLY B 72 -7.19 37.79 -7.92
CA GLY B 72 -7.02 36.46 -8.53
C GLY B 72 -6.69 36.51 -10.02
N GLY B 73 -6.52 35.31 -10.61
CA GLY B 73 -6.27 35.15 -12.04
C GLY B 73 -7.47 35.06 -12.97
N GLY B 74 -8.69 34.92 -12.43
CA GLY B 74 -9.88 34.71 -13.29
C GLY B 74 -9.75 33.62 -14.37
N GLN B 75 -9.03 32.54 -14.06
CA GLN B 75 -8.89 31.40 -14.98
C GLN B 75 -10.09 30.47 -14.88
N PRO B 76 -10.55 29.88 -16.01
CA PRO B 76 -11.60 28.83 -15.87
C PRO B 76 -11.10 27.53 -15.17
N TYR B 77 -12.03 26.75 -14.62
CA TYR B 77 -11.72 25.43 -14.06
C TYR B 77 -11.06 24.44 -15.05
N GLU B 78 -11.44 24.53 -16.32
CA GLU B 78 -10.82 23.74 -17.39
C GLU B 78 -9.30 23.97 -17.49
N VAL B 79 -8.82 25.13 -17.01
CA VAL B 79 -7.38 25.43 -17.04
C VAL B 79 -6.74 25.21 -15.66
N TYR B 80 -7.36 25.77 -14.63
CA TYR B 80 -6.96 25.56 -13.25
C TYR B 80 -6.82 24.08 -12.82
N LEU B 81 -7.81 23.25 -13.13
CA LEU B 81 -7.73 21.80 -12.78
C LEU B 81 -6.49 21.13 -13.40
N GLN B 82 -6.10 21.55 -14.59
CA GLN B 82 -4.95 20.91 -15.25
C GLN B 82 -3.60 21.33 -14.64
N VAL B 83 -3.55 22.54 -14.08
CA VAL B 83 -2.37 23.05 -13.35
C VAL B 83 -2.21 22.24 -12.04
N LEU B 84 -3.32 22.11 -11.31
CA LEU B 84 -3.39 21.26 -10.16
C LEU B 84 -2.87 19.84 -10.50
N GLU B 85 -3.35 19.26 -11.61
CA GLU B 85 -2.88 17.93 -12.06
C GLU B 85 -1.35 17.89 -12.23
N GLU B 86 -0.76 18.95 -12.80
CA GLU B 86 0.70 19.01 -12.98
C GLU B 86 1.45 19.10 -11.65
N ILE B 87 0.97 19.89 -10.70
CA ILE B 87 1.55 19.91 -9.31
C ILE B 87 1.53 18.51 -8.63
N ALA B 88 0.37 17.88 -8.58
CA ALA B 88 0.19 16.52 -7.99
C ALA B 88 1.11 15.42 -8.56
N ALA B 89 1.46 15.53 -9.85
CA ALA B 89 2.43 14.59 -10.45
C ALA B 89 3.84 14.70 -9.83
N ARG B 90 4.14 15.83 -9.18
CA ARG B 90 5.43 16.04 -8.48
C ARG B 90 5.38 15.84 -6.97
N TRP B 91 4.30 16.28 -6.33
CA TRP B 91 4.17 16.24 -4.84
C TRP B 91 2.70 16.27 -4.50
N ALA B 92 2.09 15.13 -4.19
CA ALA B 92 0.63 15.07 -4.00
C ALA B 92 0.14 15.81 -2.76
N SER B 93 0.87 15.72 -1.66
CA SER B 93 0.43 16.37 -0.43
C SER B 93 0.40 17.92 -0.56
N VAL B 94 1.34 18.48 -1.30
CA VAL B 94 1.31 19.90 -1.62
C VAL B 94 0.13 20.29 -2.52
N ALA B 95 -0.19 19.45 -3.51
CA ALA B 95 -1.37 19.70 -4.37
C ALA B 95 -2.68 19.66 -3.61
N VAL B 96 -2.81 18.73 -2.66
CA VAL B 96 -4.04 18.68 -1.87
C VAL B 96 -4.21 20.02 -1.13
N ALA B 97 -3.12 20.52 -0.53
CA ALA B 97 -3.14 21.76 0.22
C ALA B 97 -3.48 22.97 -0.68
N VAL B 98 -3.04 22.96 -1.94
CA VAL B 98 -3.36 24.04 -2.88
C VAL B 98 -4.87 24.07 -3.13
N SER B 99 -5.45 22.88 -3.31
CA SER B 99 -6.92 22.72 -3.45
C SER B 99 -7.71 23.17 -2.20
N VAL B 100 -7.22 22.80 -1.02
CA VAL B 100 -7.86 23.19 0.23
C VAL B 100 -7.88 24.72 0.38
N HIS B 101 -6.78 25.37 0.02
CA HIS B 101 -6.70 26.81 0.02
C HIS B 101 -7.82 27.47 -0.83
N SER B 102 -8.10 26.96 -2.03
CA SER B 102 -9.26 27.45 -2.82
C SER B 102 -10.61 27.37 -2.09
N LEU B 103 -10.88 26.28 -1.40
CA LEU B 103 -12.14 26.13 -0.70
C LEU B 103 -12.24 27.07 0.49
N SER B 104 -11.11 27.29 1.14
CA SER B 104 -11.07 28.09 2.35
C SER B 104 -11.53 29.53 2.12
N SER B 105 -11.43 30.01 0.87
CA SER B 105 -11.84 31.38 0.55
C SER B 105 -13.23 31.53 -0.06
N HIS B 106 -13.85 30.41 -0.37
CA HIS B 106 -15.16 30.38 -1.04
C HIS B 106 -16.33 31.08 -0.28
N PRO B 107 -16.48 30.83 1.04
CA PRO B 107 -17.55 31.55 1.79
C PRO B 107 -17.51 33.08 1.66
N LEU B 108 -16.37 33.68 1.95
CA LEU B 108 -16.24 35.12 1.87
C LEU B 108 -16.49 35.68 0.47
N LEU B 109 -16.03 34.98 -0.56
CA LEU B 109 -16.21 35.41 -1.93
C LEU B 109 -17.67 35.36 -2.39
N VAL B 110 -18.41 34.35 -1.94
CA VAL B 110 -19.78 34.09 -2.44
C VAL B 110 -20.89 34.68 -1.57
N PHE B 111 -20.64 34.78 -0.25
CA PHE B 111 -21.65 35.14 0.74
C PHE B 111 -21.27 36.33 1.61
N GLY B 112 -19.99 36.75 1.54
CA GLY B 112 -19.52 37.90 2.33
C GLY B 112 -20.08 39.25 1.85
N THR B 113 -20.15 40.18 2.79
CA THR B 113 -20.56 41.56 2.52
C THR B 113 -19.45 42.32 1.76
N GLU B 114 -19.79 43.42 1.09
CA GLU B 114 -18.79 44.22 0.36
C GLU B 114 -17.66 44.76 1.26
N GLU B 115 -18.03 45.10 2.50
CA GLU B 115 -17.10 45.55 3.53
C GLU B 115 -16.11 44.45 3.96
N GLN B 116 -16.60 43.22 4.13
CA GLN B 116 -15.79 42.04 4.54
C GLN B 116 -14.75 41.66 3.47
N LYS B 117 -15.14 41.74 2.21
CA LYS B 117 -14.25 41.39 1.10
C LYS B 117 -13.07 42.40 0.91
N LYS B 118 -13.35 43.69 1.08
CA LYS B 118 -12.33 44.74 0.99
C LYS B 118 -11.33 44.62 2.13
N ARG B 119 -11.82 44.23 3.30
CA ARG B 119 -10.97 44.01 4.46
C ARG B 119 -9.95 42.86 4.25
N TRP B 120 -10.40 41.67 3.80
CA TRP B 120 -9.59 40.45 3.89
C TRP B 120 -9.18 39.71 2.61
N LEU B 121 -10.01 39.74 1.58
CA LEU B 121 -9.70 39.01 0.33
C LEU B 121 -8.36 39.31 -0.35
N PRO B 122 -8.02 40.61 -0.53
CA PRO B 122 -6.73 40.86 -1.19
C PRO B 122 -5.60 40.10 -0.53
N GLY B 123 -5.59 40.06 0.81
CA GLY B 123 -4.56 39.39 1.59
C GLY B 123 -4.57 37.88 1.37
N MET B 124 -5.76 37.29 1.48
CA MET B 124 -5.97 35.87 1.23
C MET B 124 -5.49 35.41 -0.17
N LEU B 125 -5.72 36.25 -1.19
CA LEU B 125 -5.34 35.93 -2.59
C LEU B 125 -4.04 36.58 -3.07
N SER B 126 -3.27 37.16 -2.17
CA SER B 126 -1.97 37.81 -2.53
C SER B 126 -0.91 36.78 -2.89
N GLY B 127 -0.98 35.59 -2.30
CA GLY B 127 0.06 34.58 -2.49
C GLY B 127 1.00 34.42 -1.28
N GLU B 128 0.86 35.29 -0.27
CA GLU B 128 1.70 35.31 0.95
C GLU B 128 1.04 34.55 2.13
N GLN B 129 -0.27 34.31 2.01
CA GLN B 129 -1.04 33.58 3.02
C GLN B 129 -1.42 32.15 2.57
N ILE B 130 -1.80 31.32 3.53
CA ILE B 130 -2.33 30.01 3.21
C ILE B 130 -3.54 29.72 4.14
N GLY B 131 -4.63 29.20 3.57
CA GLY B 131 -5.89 28.98 4.30
C GLY B 131 -6.27 27.52 4.56
N ALA B 132 -7.07 27.27 5.58
CA ALA B 132 -7.47 25.90 5.88
C ALA B 132 -8.98 25.77 6.06
N TYR B 133 -9.51 24.55 6.00
CA TYR B 133 -10.96 24.33 5.98
C TYR B 133 -11.41 23.38 7.10
N SER B 134 -12.38 23.82 7.91
CA SER B 134 -12.64 23.17 9.20
C SER B 134 -14.13 22.91 9.54
N LEU B 135 -14.60 21.70 9.22
CA LEU B 135 -16.01 21.36 9.30
C LEU B 135 -16.25 20.02 9.98
N SER B 136 -15.39 19.05 9.65
CA SER B 136 -15.41 17.71 10.23
C SER B 136 -15.19 17.72 11.75
N GLU B 137 -15.76 16.72 12.41
CA GLU B 137 -15.66 16.55 13.87
C GLU B 137 -15.56 15.05 14.26
N PRO B 138 -15.12 14.76 15.51
CA PRO B 138 -15.01 13.35 15.92
C PRO B 138 -16.27 12.84 16.63
N ARG B 148 -21.48 19.24 16.66
CA ARG B 148 -21.75 19.56 18.06
C ARG B 148 -20.91 20.73 18.65
N CYS B 149 -19.98 21.30 17.86
CA CYS B 149 -19.22 22.52 18.22
C CYS B 149 -20.13 23.75 18.15
N ALA B 150 -20.21 24.50 19.24
CA ALA B 150 -21.26 25.51 19.38
C ALA B 150 -20.76 26.94 19.56
N ALA B 151 -21.46 27.89 18.95
CA ALA B 151 -21.21 29.30 19.19
C ALA B 151 -22.42 29.94 19.89
N THR B 152 -22.23 30.43 21.11
CA THR B 152 -23.33 31.04 21.86
C THR B 152 -23.27 32.57 21.78
N PRO B 153 -24.41 33.24 21.53
CA PRO B 153 -24.47 34.70 21.48
C PRO B 153 -23.85 35.43 22.70
N THR B 154 -23.34 36.63 22.47
CA THR B 154 -22.88 37.52 23.54
C THR B 154 -22.89 38.95 23.03
N ASP B 155 -22.67 39.90 23.93
CA ASP B 155 -22.63 41.30 23.57
C ASP B 155 -21.55 41.61 22.54
N GLY B 156 -21.99 41.96 21.34
CA GLY B 156 -21.07 42.32 20.25
C GLY B 156 -20.51 41.14 19.46
N GLY B 157 -20.93 39.91 19.77
CA GLY B 157 -20.41 38.73 19.04
C GLY B 157 -20.82 37.36 19.54
N TYR B 158 -19.86 36.43 19.55
CA TYR B 158 -20.08 35.03 19.92
C TYR B 158 -18.95 34.44 20.75
N VAL B 159 -19.28 33.41 21.53
CA VAL B 159 -18.30 32.63 22.27
C VAL B 159 -18.35 31.17 21.75
N ILE B 160 -17.19 30.61 21.44
CA ILE B 160 -17.09 29.27 20.84
C ILE B 160 -16.55 28.22 21.80
N ASN B 161 -17.21 27.07 21.82
CA ASN B 161 -16.78 25.93 22.60
C ASN B 161 -16.93 24.62 21.84
N GLY B 162 -15.89 23.80 21.86
CA GLY B 162 -15.93 22.48 21.22
C GLY B 162 -14.73 22.10 20.37
N SER B 163 -14.83 20.97 19.68
CA SER B 163 -13.70 20.29 19.04
C SER B 163 -13.95 20.06 17.55
N LYS B 164 -12.84 19.99 16.80
CA LYS B 164 -12.86 19.77 15.35
C LYS B 164 -11.78 18.76 14.95
N SER B 165 -11.99 18.01 13.88
CA SER B 165 -10.99 17.02 13.46
C SER B 165 -10.60 17.12 11.99
N TRP B 166 -9.48 16.48 11.63
CA TRP B 166 -8.99 16.35 10.23
C TRP B 166 -8.81 17.68 9.47
N ILE B 167 -8.14 18.63 10.09
CA ILE B 167 -7.89 19.91 9.44
C ILE B 167 -6.56 19.85 8.76
N THR B 168 -6.56 19.94 7.42
CA THR B 168 -5.33 20.03 6.60
C THR B 168 -4.69 21.39 6.82
N HIS B 169 -3.36 21.40 7.03
CA HIS B 169 -2.61 22.61 7.40
C HIS B 169 -2.88 23.09 8.86
N GLY B 170 -3.60 22.29 9.65
CA GLY B 170 -3.87 22.61 11.08
C GLY B 170 -2.63 23.00 11.88
N GLY B 171 -2.70 24.16 12.55
CA GLY B 171 -1.52 24.71 13.28
C GLY B 171 -0.57 25.56 12.43
N LYS B 172 -0.73 25.55 11.10
CA LYS B 172 0.21 26.24 10.22
C LYS B 172 -0.44 27.26 9.30
N ALA B 173 -1.77 27.38 9.35
CA ALA B 173 -2.46 28.25 8.42
C ALA B 173 -2.55 29.68 8.96
N ASP B 174 -2.73 30.63 8.04
CA ASP B 174 -3.01 32.03 8.38
C ASP B 174 -4.46 32.31 8.82
N PHE B 175 -5.40 31.50 8.32
CA PHE B 175 -6.83 31.65 8.61
C PHE B 175 -7.57 30.30 8.45
N TYR B 176 -8.74 30.20 9.08
CA TYR B 176 -9.52 28.98 9.18
C TYR B 176 -10.97 29.31 8.90
N THR B 177 -11.62 28.49 8.09
CA THR B 177 -13.04 28.60 7.83
C THR B 177 -13.76 27.61 8.76
N LEU B 178 -14.66 28.11 9.60
CA LEU B 178 -15.29 27.32 10.66
C LEU B 178 -16.82 27.28 10.52
N PHE B 179 -17.39 26.11 10.84
CA PHE B 179 -18.84 25.88 10.89
C PHE B 179 -19.17 25.40 12.31
N ALA B 180 -20.13 26.07 12.95
CA ALA B 180 -20.47 25.91 14.37
C ALA B 180 -21.97 26.19 14.61
N ARG B 181 -22.53 25.61 15.66
CA ARG B 181 -23.98 25.63 15.86
C ARG B 181 -24.51 26.88 16.60
N THR B 182 -25.48 27.55 15.98
CA THR B 182 -26.08 28.79 16.51
C THR B 182 -27.54 28.70 16.97
N GLY B 185 -32.37 24.29 14.07
CA GLY B 185 -32.45 22.96 13.45
C GLY B 185 -31.97 22.91 11.98
N SER B 186 -32.89 23.21 11.07
CA SER B 186 -32.57 23.41 9.65
C SER B 186 -31.55 24.54 9.51
N ARG B 187 -31.97 25.74 9.88
CA ARG B 187 -31.13 26.91 9.87
C ARG B 187 -30.49 27.12 11.25
N GLY B 188 -29.81 26.10 11.76
CA GLY B 188 -29.19 26.13 13.08
C GLY B 188 -27.67 26.26 13.09
N VAL B 189 -27.08 26.45 11.91
CA VAL B 189 -25.61 26.54 11.74
C VAL B 189 -25.14 27.88 11.15
N SER B 190 -23.94 28.29 11.55
CA SER B 190 -23.33 29.52 11.10
C SER B 190 -21.84 29.32 10.70
N CYS B 191 -21.36 30.18 9.80
CA CYS B 191 -19.99 30.11 9.25
C CYS B 191 -19.09 31.25 9.77
N PHE B 192 -17.84 30.94 10.14
CA PHE B 192 -16.87 31.95 10.61
C PHE B 192 -15.49 31.95 9.91
N LEU B 193 -14.94 33.16 9.74
CA LEU B 193 -13.56 33.38 9.32
C LEU B 193 -12.71 33.64 10.57
N VAL B 194 -11.97 32.63 11.00
CA VAL B 194 -11.22 32.64 12.27
C VAL B 194 -9.74 32.93 11.99
N PRO B 195 -9.14 33.92 12.71
CA PRO B 195 -7.71 34.23 12.46
C PRO B 195 -6.75 33.30 13.21
N ALA B 196 -5.53 33.17 12.71
CA ALA B 196 -4.52 32.35 13.39
C ALA B 196 -4.31 32.77 14.85
N ASP B 197 -4.33 34.08 15.13
CA ASP B 197 -4.10 34.61 16.49
C ASP B 197 -5.28 34.57 17.46
N GLN B 198 -6.34 33.85 17.10
CA GLN B 198 -7.55 33.68 17.95
C GLN B 198 -7.24 33.24 19.38
N PRO B 199 -7.60 34.08 20.38
CA PRO B 199 -7.49 33.60 21.79
C PRO B 199 -8.46 32.43 22.00
N GLY B 200 -8.07 31.49 22.90
CA GLY B 200 -8.84 30.28 23.17
C GLY B 200 -8.67 29.12 22.18
N LEU B 201 -7.92 29.34 21.08
CA LEU B 201 -7.71 28.29 20.05
C LEU B 201 -6.40 27.52 20.16
N SER B 202 -6.48 26.18 20.25
CA SER B 202 -5.26 25.34 20.17
C SER B 202 -5.38 24.14 19.20
N PHE B 203 -4.27 23.46 18.95
CA PHE B 203 -4.22 22.35 17.98
C PHE B 203 -3.52 21.14 18.56
N GLY B 204 -4.09 19.95 18.34
CA GLY B 204 -3.42 18.70 18.72
C GLY B 204 -2.17 18.41 17.89
N LYS B 205 -1.37 17.45 18.37
CA LYS B 205 -0.31 16.85 17.56
C LYS B 205 -0.75 16.36 16.13
N PRO B 206 0.16 16.43 15.13
CA PRO B 206 -0.13 15.90 13.79
C PRO B 206 -0.44 14.40 13.80
N GLU B 207 -1.39 13.97 12.95
CA GLU B 207 -1.77 12.57 12.83
C GLU B 207 -0.68 11.73 12.19
N GLU B 208 -0.50 10.52 12.71
CA GLU B 208 0.44 9.58 12.15
C GLU B 208 -0.31 8.76 11.06
N LYS B 209 -0.10 9.12 9.78
CA LYS B 209 -0.78 8.46 8.65
C LYS B 209 0.11 7.46 7.88
N MET B 210 -0.51 6.69 6.99
CA MET B 210 0.21 5.74 6.12
C MET B 210 1.05 6.48 5.05
N GLY B 211 0.63 7.70 4.71
CA GLY B 211 1.29 8.52 3.72
C GLY B 211 0.79 9.95 3.69
N LEU B 212 1.30 10.74 2.75
CA LEU B 212 0.90 12.13 2.60
C LEU B 212 1.30 12.93 3.86
N HIS B 213 2.57 12.87 4.22
CA HIS B 213 3.08 13.38 5.49
C HIS B 213 3.45 14.85 5.59
N ALA B 214 3.80 15.50 4.47
CA ALA B 214 4.49 16.80 4.57
C ALA B 214 3.66 17.93 5.18
N VAL B 215 2.41 18.07 4.72
CA VAL B 215 1.51 19.08 5.25
C VAL B 215 0.75 18.43 6.41
N PRO B 216 0.80 19.01 7.62
CA PRO B 216 0.23 18.30 8.79
C PRO B 216 -1.28 18.27 8.74
N THR B 217 -1.88 17.25 9.35
CA THR B 217 -3.32 17.15 9.56
C THR B 217 -3.58 17.11 11.08
N THR B 218 -4.42 18.03 11.59
CA THR B 218 -4.64 18.16 13.04
C THR B 218 -6.10 18.37 13.46
N SER B 219 -6.37 18.11 14.75
CA SER B 219 -7.64 18.50 15.36
C SER B 219 -7.53 19.89 16.07
N ALA B 220 -8.65 20.56 16.28
CA ALA B 220 -8.68 21.87 16.96
C ALA B 220 -9.52 21.82 18.25
N PHE B 221 -9.18 22.67 19.22
CA PHE B 221 -9.97 22.83 20.46
C PHE B 221 -10.27 24.32 20.79
N TYR B 222 -11.56 24.64 20.98
CA TYR B 222 -12.00 26.00 21.29
C TYR B 222 -12.45 26.09 22.77
N ASP B 223 -11.77 26.94 23.54
CA ASP B 223 -11.97 27.07 25.01
C ASP B 223 -12.46 28.48 25.38
N ASN B 224 -13.78 28.66 25.46
CA ASN B 224 -14.39 29.98 25.68
C ASN B 224 -13.81 31.06 24.74
N ALA B 225 -13.72 30.71 23.45
CA ALA B 225 -13.08 31.55 22.42
C ALA B 225 -14.03 32.62 21.89
N ARG B 226 -13.72 33.88 22.16
CA ARG B 226 -14.63 35.00 21.87
C ARG B 226 -14.35 35.60 20.50
N ILE B 227 -15.40 35.83 19.72
CA ILE B 227 -15.22 36.35 18.37
C ILE B 227 -16.21 37.46 17.96
N ASP B 228 -15.68 38.46 17.25
CA ASP B 228 -16.45 39.60 16.74
C ASP B 228 -17.52 39.17 15.77
N ALA B 229 -18.67 39.86 15.83
CA ALA B 229 -19.78 39.60 14.90
C ALA B 229 -19.37 39.88 13.45
N ASP B 230 -18.39 40.75 13.26
CA ASP B 230 -17.94 41.10 11.92
C ASP B 230 -17.19 39.96 11.21
N ARG B 231 -16.92 38.87 11.93
CA ARG B 231 -16.28 37.69 11.34
C ARG B 231 -17.26 36.56 10.94
N ARG B 232 -18.55 36.71 11.27
CA ARG B 232 -19.57 35.79 10.80
C ARG B 232 -19.81 36.03 9.31
N ILE B 233 -19.67 34.98 8.52
CA ILE B 233 -19.90 35.05 7.07
C ILE B 233 -21.32 34.67 6.68
N GLY B 234 -22.05 35.63 6.13
CA GLY B 234 -23.44 35.45 5.75
C GLY B 234 -24.33 35.52 6.97
N GLU B 235 -25.64 35.34 6.75
CA GLU B 235 -26.65 35.49 7.81
C GLU B 235 -26.55 34.34 8.82
N GLU B 236 -26.99 34.63 10.05
CA GLU B 236 -27.07 33.64 11.10
C GLU B 236 -28.10 32.58 10.70
N GLY B 237 -27.66 31.32 10.62
CA GLY B 237 -28.48 30.21 10.11
C GLY B 237 -28.18 29.76 8.68
N GLN B 238 -27.35 30.53 7.98
CA GLN B 238 -27.07 30.31 6.56
C GLN B 238 -25.96 29.26 6.38
N GLY B 239 -25.47 28.73 7.51
CA GLY B 239 -24.36 27.77 7.55
C GLY B 239 -24.41 26.54 6.65
N LEU B 240 -25.52 25.79 6.70
CA LEU B 240 -25.65 24.54 5.99
C LEU B 240 -25.69 24.76 4.49
N GLN B 241 -26.34 25.85 4.07
CA GLN B 241 -26.37 26.25 2.68
C GLN B 241 -24.97 26.63 2.14
N ILE B 242 -24.20 27.35 2.95
CA ILE B 242 -22.82 27.72 2.59
C ILE B 242 -21.93 26.48 2.35
N ALA B 243 -21.92 25.57 3.31
CA ALA B 243 -21.14 24.33 3.25
C ALA B 243 -21.57 23.39 2.11
N PHE B 244 -22.87 23.31 1.84
CA PHE B 244 -23.37 22.49 0.75
C PHE B 244 -22.93 23.08 -0.60
N SER B 245 -22.89 24.41 -0.72
CA SER B 245 -22.48 25.08 -1.96
C SER B 245 -21.03 24.82 -2.44
N ALA B 246 -20.17 24.30 -1.54
CA ALA B 246 -18.76 23.97 -1.84
C ALA B 246 -18.42 22.49 -2.12
N LEU B 247 -19.39 21.59 -2.05
CA LEU B 247 -19.16 20.16 -2.31
C LEU B 247 -18.59 19.85 -3.72
N ASP B 248 -19.29 20.33 -4.77
CA ASP B 248 -18.96 20.02 -6.16
C ASP B 248 -17.52 20.44 -6.49
N SER B 249 -17.13 21.66 -6.10
CA SER B 249 -15.78 22.19 -6.33
C SER B 249 -14.68 21.41 -5.62
N GLY B 250 -14.89 21.00 -4.38
CA GLY B 250 -13.94 20.12 -3.68
C GLY B 250 -13.70 18.77 -4.38
N ARG B 251 -14.79 18.08 -4.74
CA ARG B 251 -14.72 16.80 -5.47
C ARG B 251 -13.97 16.96 -6.77
N LEU B 252 -14.19 18.07 -7.47
CA LEU B 252 -13.39 18.39 -8.68
C LEU B 252 -11.89 18.54 -8.42
N GLY B 253 -11.53 19.24 -7.34
CA GLY B 253 -10.14 19.34 -6.89
C GLY B 253 -9.43 17.99 -6.70
N ILE B 254 -10.02 17.12 -5.89
CA ILE B 254 -9.48 15.76 -5.61
C ILE B 254 -9.42 14.84 -6.87
N ALA B 255 -10.46 14.88 -7.70
CA ALA B 255 -10.39 14.23 -9.05
C ALA B 255 -9.11 14.57 -9.83
N ALA B 256 -8.73 15.85 -9.81
CA ALA B 256 -7.57 16.30 -10.59
C ALA B 256 -6.27 15.92 -9.90
N VAL B 257 -6.25 15.94 -8.56
CA VAL B 257 -5.10 15.46 -7.80
C VAL B 257 -4.83 13.94 -7.98
N ALA B 258 -5.89 13.13 -7.93
CA ALA B 258 -5.76 11.67 -8.11
C ALA B 258 -5.27 11.35 -9.49
N THR B 259 -5.80 12.08 -10.49
CA THR B 259 -5.35 11.90 -11.88
C THR B 259 -3.82 12.16 -12.07
N GLY B 260 -3.27 13.20 -11.43
CA GLY B 260 -1.83 13.51 -11.49
C GLY B 260 -0.96 12.46 -10.82
N LEU B 261 -1.40 11.90 -9.70
CA LEU B 261 -0.65 10.82 -9.04
C LEU B 261 -0.71 9.52 -9.86
N ALA B 262 -1.86 9.21 -10.46
CA ALA B 262 -1.94 8.07 -11.37
C ALA B 262 -0.97 8.26 -12.56
N GLN B 263 -0.94 9.45 -13.13
CA GLN B 263 0.00 9.75 -14.23
C GLN B 263 1.47 9.55 -13.83
N ALA B 264 1.85 9.99 -12.63
CA ALA B 264 3.23 9.82 -12.14
C ALA B 264 3.62 8.33 -12.00
N ALA B 265 2.70 7.53 -11.48
CA ALA B 265 2.97 6.09 -11.32
C ALA B 265 3.05 5.40 -12.70
N LEU B 266 2.28 5.87 -13.67
CA LEU B 266 2.30 5.28 -14.98
C LEU B 266 3.65 5.61 -15.67
N ASP B 267 4.13 6.85 -15.53
CA ASP B 267 5.42 7.26 -16.15
C ASP B 267 6.62 6.45 -15.63
N GLU B 268 6.70 6.22 -14.32
CA GLU B 268 7.69 5.29 -13.72
C GLU B 268 7.72 3.89 -14.37
N ALA B 269 6.54 3.26 -14.45
CA ALA B 269 6.39 1.88 -14.90
C ALA B 269 6.75 1.74 -16.36
N VAL B 270 6.24 2.65 -17.17
CA VAL B 270 6.57 2.72 -18.60
C VAL B 270 8.07 2.86 -18.81
N ALA B 271 8.72 3.74 -18.04
CA ALA B 271 10.19 3.90 -18.11
C ALA B 271 10.90 2.59 -17.72
N TYR B 272 10.47 1.98 -16.61
CA TYR B 272 11.14 0.76 -16.15
C TYR B 272 10.95 -0.42 -17.13
N ALA B 273 9.75 -0.57 -17.68
CA ALA B 273 9.45 -1.69 -18.60
C ALA B 273 10.23 -1.63 -19.95
N ASN B 274 10.71 -0.44 -20.31
CA ASN B 274 11.57 -0.20 -21.49
C ASN B 274 13.10 -0.45 -21.27
N GLU B 275 13.52 -0.71 -20.02
CA GLU B 275 14.94 -0.99 -19.71
C GLU B 275 15.13 -2.44 -19.24
N ARG B 276 14.35 -2.86 -18.24
CA ARG B 276 14.51 -4.16 -17.61
C ARG B 276 14.24 -5.29 -18.63
N THR B 277 15.08 -6.33 -18.60
CA THR B 277 14.90 -7.48 -19.51
C THR B 277 14.66 -8.81 -18.75
N ALA B 278 13.91 -9.71 -19.37
CA ALA B 278 13.76 -11.09 -18.88
C ALA B 278 13.51 -12.06 -20.02
N PHE B 279 14.06 -13.27 -19.89
CA PHE B 279 13.95 -14.30 -20.92
C PHE B 279 14.44 -13.77 -22.30
N GLY B 280 15.52 -12.99 -22.27
CA GLY B 280 16.12 -12.45 -23.51
C GLY B 280 15.36 -11.36 -24.27
N ARG B 281 14.48 -10.62 -23.57
CA ARG B 281 13.75 -9.46 -24.17
C ARG B 281 13.36 -8.42 -23.12
N LYS B 282 13.28 -7.16 -23.54
CA LYS B 282 12.69 -6.07 -22.75
C LYS B 282 11.30 -6.47 -22.25
N ILE B 283 11.01 -6.24 -20.97
CA ILE B 283 9.75 -6.77 -20.40
C ILE B 283 8.44 -6.18 -21.00
N ILE B 284 8.50 -4.96 -21.53
CA ILE B 284 7.37 -4.41 -22.27
C ILE B 284 7.03 -5.25 -23.50
N ASP B 285 8.02 -5.98 -24.03
CA ASP B 285 7.78 -6.84 -25.21
C ASP B 285 7.13 -8.21 -24.92
N HIS B 286 7.03 -8.58 -23.64
CA HIS B 286 6.15 -9.70 -23.25
C HIS B 286 4.68 -9.22 -23.34
N GLN B 287 3.90 -9.78 -24.27
CA GLN B 287 2.51 -9.29 -24.55
C GLN B 287 1.59 -9.17 -23.25
N GLY B 288 1.60 -10.18 -22.38
CA GLY B 288 0.90 -10.10 -21.07
C GLY B 288 1.18 -8.86 -20.20
N LEU B 289 2.46 -8.51 -20.08
CA LEU B 289 2.89 -7.30 -19.39
C LEU B 289 2.49 -6.03 -20.12
N GLY B 290 2.57 -6.07 -21.47
CA GLY B 290 2.10 -4.97 -22.32
C GLY B 290 0.63 -4.65 -22.12
N PHE B 291 -0.20 -5.68 -21.97
CA PHE B 291 -1.63 -5.52 -21.69
C PHE B 291 -1.93 -4.87 -20.34
N LEU B 292 -1.22 -5.27 -19.27
CA LEU B 292 -1.30 -4.60 -17.96
C LEU B 292 -1.02 -3.08 -18.09
N LEU B 293 0.11 -2.71 -18.69
CA LEU B 293 0.44 -1.28 -18.99
C LEU B 293 -0.62 -0.54 -19.83
N ALA B 294 -1.18 -1.24 -20.81
CA ALA B 294 -2.28 -0.69 -21.63
C ALA B 294 -3.58 -0.35 -20.86
N ASP B 295 -4.01 -1.23 -19.94
CA ASP B 295 -5.15 -0.98 -18.98
C ASP B 295 -4.89 0.23 -18.04
N MET B 296 -3.68 0.34 -17.50
CA MET B 296 -3.28 1.53 -16.72
C MET B 296 -3.44 2.88 -17.49
N ALA B 297 -2.96 2.89 -18.74
CA ALA B 297 -2.93 4.10 -19.57
C ALA B 297 -4.35 4.51 -19.94
N ALA B 298 -5.20 3.51 -20.21
CA ALA B 298 -6.60 3.77 -20.53
C ALA B 298 -7.34 4.36 -19.31
N ALA B 299 -7.01 3.86 -18.11
CA ALA B 299 -7.62 4.36 -16.88
C ALA B 299 -7.20 5.82 -16.56
N VAL B 300 -5.93 6.16 -16.77
CA VAL B 300 -5.48 7.57 -16.62
C VAL B 300 -6.19 8.55 -17.59
N ALA B 301 -6.36 8.14 -18.84
CA ALA B 301 -6.96 8.99 -19.86
C ALA B 301 -8.49 9.15 -19.68
N THR B 302 -9.15 8.08 -19.27
CA THR B 302 -10.57 8.14 -18.87
C THR B 302 -10.84 9.07 -17.65
N ALA B 303 -9.98 8.98 -16.64
CA ALA B 303 -10.11 9.89 -15.50
C ALA B 303 -9.88 11.37 -15.91
N ARG B 304 -8.93 11.64 -16.80
CA ARG B 304 -8.69 13.05 -17.18
C ARG B 304 -9.88 13.58 -18.02
N ALA B 305 -10.34 12.80 -18.99
CA ALA B 305 -11.54 13.12 -19.77
C ALA B 305 -12.78 13.42 -18.94
N THR B 306 -13.02 12.66 -17.89
CA THR B 306 -14.22 12.81 -17.01
C THR B 306 -14.19 14.10 -16.19
N TYR B 307 -13.04 14.43 -15.56
CA TYR B 307 -13.02 15.71 -14.80
C TYR B 307 -13.12 16.95 -15.67
N LEU B 308 -12.59 16.90 -16.89
CA LEU B 308 -12.68 18.05 -17.78
C LEU B 308 -14.09 18.27 -18.29
N ASP B 309 -14.84 17.17 -18.52
CA ASP B 309 -16.25 17.28 -18.92
C ASP B 309 -17.15 17.98 -17.86
N ALA B 310 -17.00 17.58 -16.60
CA ALA B 310 -17.60 18.36 -15.50
C ALA B 310 -17.10 19.83 -15.42
N ALA B 311 -15.79 20.05 -15.53
CA ALA B 311 -15.22 21.40 -15.50
C ALA B 311 -15.87 22.31 -16.56
N ARG B 312 -16.07 21.75 -17.74
CA ARG B 312 -16.53 22.49 -18.90
C ARG B 312 -18.02 22.90 -18.70
N ARG B 313 -18.77 22.10 -17.95
CA ARG B 313 -20.12 22.47 -17.55
C ARG B 313 -20.13 23.63 -16.55
N ARG B 314 -19.27 23.55 -15.53
CA ARG B 314 -19.17 24.60 -14.51
C ARG B 314 -18.78 25.95 -15.12
N ASP B 315 -17.89 25.95 -16.12
CA ASP B 315 -17.45 27.18 -16.78
C ASP B 315 -18.59 27.87 -17.56
N GLN B 316 -19.60 27.09 -17.98
CA GLN B 316 -20.74 27.63 -18.74
C GLN B 316 -21.96 27.99 -17.88
N GLY B 317 -21.82 27.90 -16.56
CA GLY B 317 -22.93 28.10 -15.62
C GLY B 317 -24.00 27.02 -15.69
N ARG B 318 -23.64 25.80 -16.11
CA ARG B 318 -24.59 24.66 -16.18
C ARG B 318 -24.46 23.76 -14.94
N PRO B 319 -25.53 23.01 -14.60
CA PRO B 319 -25.38 22.08 -13.45
C PRO B 319 -24.35 20.94 -13.73
N TYR B 320 -23.61 20.56 -12.69
CA TYR B 320 -22.45 19.70 -12.88
C TYR B 320 -22.25 18.85 -11.65
N SER B 321 -23.26 18.86 -10.79
CA SER B 321 -23.30 18.12 -9.55
C SER B 321 -23.18 16.57 -9.68
N GLN B 322 -24.02 15.93 -10.51
CA GLN B 322 -23.91 14.49 -10.76
C GLN B 322 -22.54 14.19 -11.38
N GLN B 323 -22.15 15.03 -12.31
CA GLN B 323 -20.92 14.82 -13.10
C GLN B 323 -19.63 14.91 -12.30
N ALA B 324 -19.67 15.68 -11.22
CA ALA B 324 -18.51 15.90 -10.35
C ALA B 324 -18.32 14.73 -9.38
N SER B 325 -19.44 14.15 -8.93
CA SER B 325 -19.43 12.96 -8.09
C SER B 325 -18.87 11.77 -8.89
N ILE B 326 -19.34 11.63 -10.13
CA ILE B 326 -18.83 10.63 -11.04
C ILE B 326 -17.31 10.78 -11.26
N ALA B 327 -16.85 12.02 -11.40
CA ALA B 327 -15.43 12.29 -11.66
C ALA B 327 -14.50 11.95 -10.50
N LYS B 328 -14.88 12.36 -9.30
CA LYS B 328 -14.17 11.99 -8.07
C LYS B 328 -14.14 10.47 -7.90
N LEU B 329 -15.28 9.82 -8.09
CA LEU B 329 -15.37 8.37 -8.00
C LEU B 329 -14.45 7.66 -9.00
N THR B 330 -14.59 7.99 -10.28
CA THR B 330 -13.77 7.43 -11.36
C THR B 330 -12.24 7.61 -11.18
N ALA B 331 -11.83 8.83 -10.85
CA ALA B 331 -10.43 9.18 -10.75
C ALA B 331 -9.72 8.53 -9.56
N THR B 332 -10.39 8.41 -8.43
CA THR B 332 -9.74 7.89 -7.23
C THR B 332 -9.67 6.35 -7.25
N ASP B 333 -10.67 5.70 -7.82
CA ASP B 333 -10.62 4.26 -8.13
C ASP B 333 -9.50 3.94 -9.16
N ALA B 334 -9.35 4.80 -10.17
CA ALA B 334 -8.26 4.71 -11.14
C ALA B 334 -6.86 4.81 -10.53
N ALA B 335 -6.66 5.76 -9.63
CA ALA B 335 -5.36 5.93 -8.98
C ALA B 335 -4.97 4.69 -8.13
N MET B 336 -5.93 4.14 -7.39
CA MET B 336 -5.66 2.97 -6.54
C MET B 336 -5.25 1.75 -7.39
N LYS B 337 -5.98 1.54 -8.50
CA LYS B 337 -5.66 0.47 -9.44
C LYS B 337 -4.32 0.66 -10.18
N VAL B 338 -4.07 1.89 -10.66
CA VAL B 338 -2.82 2.16 -11.43
C VAL B 338 -1.54 2.07 -10.53
N THR B 339 -1.60 2.55 -9.29
CA THR B 339 -0.44 2.53 -8.40
C THR B 339 -0.16 1.14 -7.90
N THR B 340 -1.21 0.35 -7.62
CA THR B 340 -1.04 -1.07 -7.25
C THR B 340 -0.39 -1.84 -8.39
N ASP B 341 -0.80 -1.55 -9.63
CA ASP B 341 -0.21 -2.20 -10.81
C ASP B 341 1.21 -1.73 -11.20
N ALA B 342 1.55 -0.48 -10.86
CA ALA B 342 2.90 0.03 -11.13
C ALA B 342 3.98 -0.69 -10.25
N VAL B 343 3.69 -0.92 -8.97
CA VAL B 343 4.55 -1.79 -8.13
C VAL B 343 4.75 -3.20 -8.76
N GLN B 344 3.65 -3.83 -9.18
CA GLN B 344 3.71 -5.11 -9.90
C GLN B 344 4.68 -5.09 -11.12
N VAL B 345 4.61 -4.05 -11.97
CA VAL B 345 5.51 -3.91 -13.14
C VAL B 345 6.99 -3.93 -12.73
N PHE B 346 7.31 -3.27 -11.60
CA PHE B 346 8.68 -3.21 -11.07
C PHE B 346 9.23 -4.53 -10.51
N GLY B 347 8.38 -5.46 -10.09
CA GLY B 347 8.83 -6.64 -9.34
C GLY B 347 9.35 -6.36 -7.94
N GLY B 348 10.28 -7.19 -7.47
CA GLY B 348 10.89 -7.06 -6.14
C GLY B 348 11.42 -5.69 -5.74
N VAL B 349 12.13 -5.00 -6.66
CA VAL B 349 12.61 -3.63 -6.41
C VAL B 349 11.49 -2.61 -6.15
N GLY B 350 10.31 -2.86 -6.75
CA GLY B 350 9.16 -1.97 -6.57
C GLY B 350 8.64 -1.97 -5.14
N TYR B 351 8.96 -3.04 -4.41
CA TYR B 351 8.59 -3.14 -2.99
C TYR B 351 9.60 -2.49 -2.04
N THR B 352 10.65 -1.85 -2.57
CA THR B 352 11.70 -1.19 -1.76
C THR B 352 11.59 0.33 -1.85
N ARG B 353 12.24 1.07 -0.94
CA ARG B 353 12.21 2.54 -0.98
C ARG B 353 13.34 3.14 -1.81
N ASP B 354 13.94 2.34 -2.69
CA ASP B 354 14.87 2.84 -3.69
C ASP B 354 14.11 3.46 -4.87
N TYR B 355 12.80 3.20 -4.91
CA TYR B 355 11.95 3.75 -5.95
C TYR B 355 10.73 4.44 -5.32
N ARG B 356 10.04 5.26 -6.11
CA ARG B 356 8.89 6.02 -5.63
C ARG B 356 7.54 5.29 -5.69
N VAL B 357 7.43 4.20 -6.45
CA VAL B 357 6.12 3.57 -6.62
C VAL B 357 5.43 3.04 -5.33
N GLU B 358 6.20 2.61 -4.34
CA GLU B 358 5.63 2.17 -3.05
C GLU B 358 4.97 3.37 -2.31
N ARG B 359 5.63 4.52 -2.30
CA ARG B 359 5.02 5.76 -1.78
C ARG B 359 3.72 6.16 -2.53
N TYR B 360 3.71 6.07 -3.86
CA TYR B 360 2.48 6.47 -4.60
C TYR B 360 1.26 5.59 -4.27
N MET B 361 1.50 4.30 -4.06
CA MET B 361 0.44 3.37 -3.65
C MET B 361 -0.11 3.73 -2.27
N ARG B 362 0.77 4.08 -1.33
CA ARG B 362 0.30 4.54 -0.01
C ARG B 362 -0.55 5.86 -0.09
N GLU B 363 -0.14 6.81 -0.95
CA GLU B 363 -0.89 8.07 -1.12
C GLU B 363 -2.28 7.90 -1.74
N ALA B 364 -2.48 6.90 -2.59
CA ALA B 364 -3.75 6.78 -3.32
C ALA B 364 -4.92 6.29 -2.47
N LYS B 365 -4.64 5.45 -1.49
CA LYS B 365 -5.67 4.90 -0.63
C LYS B 365 -6.55 5.96 0.07
N ILE B 366 -5.94 7.04 0.60
CA ILE B 366 -6.69 8.09 1.33
C ILE B 366 -7.58 8.95 0.41
N MET B 367 -7.23 9.01 -0.87
CA MET B 367 -8.10 9.66 -1.86
C MET B 367 -9.45 9.00 -2.09
N GLN B 368 -9.53 7.67 -1.94
CA GLN B 368 -10.80 6.95 -1.96
C GLN B 368 -11.69 7.34 -0.77
N ILE B 369 -11.09 7.89 0.28
CA ILE B 369 -11.80 8.14 1.54
C ILE B 369 -12.24 9.60 1.73
N PHE B 370 -11.37 10.57 1.47
CA PHE B 370 -11.80 11.91 1.88
C PHE B 370 -12.52 12.71 0.78
N GLU B 371 -13.06 13.87 1.15
CA GLU B 371 -14.02 14.63 0.33
C GLU B 371 -15.27 13.80 -0.08
N GLY B 372 -15.84 13.09 0.90
CA GLY B 372 -16.90 12.12 0.65
C GLY B 372 -16.39 10.75 0.17
N THR B 373 -16.51 9.74 1.04
CA THR B 373 -16.07 8.39 0.66
C THR B 373 -16.76 7.93 -0.63
N ASN B 374 -16.12 7.05 -1.38
CA ASN B 374 -16.70 6.52 -2.61
C ASN B 374 -18.07 5.83 -2.50
N GLN B 375 -18.40 5.27 -1.33
CA GLN B 375 -19.75 4.71 -1.04
C GLN B 375 -20.78 5.80 -0.96
N ILE B 376 -20.39 6.88 -0.31
CA ILE B 376 -21.22 8.07 -0.23
C ILE B 376 -21.39 8.73 -1.61
N GLN B 377 -20.34 8.74 -2.46
CA GLN B 377 -20.53 9.13 -3.89
C GLN B 377 -21.57 8.25 -4.65
N ARG B 378 -21.50 6.93 -4.49
CA ARG B 378 -22.50 6.05 -5.10
C ARG B 378 -23.97 6.34 -4.66
N LEU B 379 -24.14 6.58 -3.36
CA LEU B 379 -25.40 6.99 -2.77
C LEU B 379 -25.96 8.28 -3.41
N VAL B 380 -25.12 9.29 -3.53
CA VAL B 380 -25.44 10.57 -4.18
C VAL B 380 -25.89 10.38 -5.64
N ILE B 381 -25.17 9.55 -6.40
CA ILE B 381 -25.55 9.27 -7.78
C ILE B 381 -26.91 8.55 -7.84
N ALA B 382 -27.13 7.61 -6.94
CA ALA B 382 -28.40 6.90 -6.86
C ALA B 382 -29.57 7.86 -6.57
N ARG B 383 -29.48 8.62 -5.48
CA ARG B 383 -30.50 9.65 -5.18
C ARG B 383 -30.79 10.57 -6.39
N GLY B 384 -29.78 10.86 -7.22
CA GLY B 384 -29.98 11.60 -8.46
C GLY B 384 -30.63 10.87 -9.65
N LEU B 385 -30.93 9.58 -9.49
CA LEU B 385 -31.69 8.80 -10.49
C LEU B 385 -33.07 8.41 -9.94
N THR B 386 -33.26 8.67 -8.65
CA THR B 386 -34.54 8.49 -7.96
C THR B 386 -35.23 9.84 -7.85
#